data_7JVN
#
_entry.id   7JVN
#
_cell.length_a   46.090
_cell.length_b   214.736
_cell.length_c   55.840
_cell.angle_alpha   90.000
_cell.angle_beta   97.090
_cell.angle_gamma   90.000
#
_symmetry.space_group_name_H-M   'P 1 21 1'
#
loop_
_entity.id
_entity.type
_entity.pdbx_description
1 polymer 'Tyrosine-protein phosphatase non-receptor type 11'
2 non-polymer 6-(4-amino-4-methylpiperidin-1-yl)-3-[(2,3-dichlorophenyl)sulfanyl]pyrazin-2-amine
3 non-polymer 'PHOSPHATE ION'
4 water water
#
_entity_poly.entity_id   1
_entity_poly.type   'polypeptide(L)'
_entity_poly.pdbx_seq_one_letter_code
;MTSRRWFHPNITGVEAENLLLTRGVDGSFLARPSKSNPGDFTLSVRRNGAVTHIKIQNTGDYYDLYGGEKFATLAELVQY
YMEHHGQLKEKNGDVIELKYPLNCADPTSERWFHGHLSGKEAEKLLTEKGKHGSFLVRESQSHPGDFVLSVRTGDDKGES
NDGKSKVTHVMIRCQELKYDVGGGERFDSLTDLVEHYKKNPMVETLGTVLQLKQPLNTTRINAAEIESRVRELSKLAETT
DKVKQGFWEEFETLQQQECKLLYSRKEGQRQENKNKNRYKNILPFDHTRVVLHDGDPNEPVSDYINANIIMPEFETKCNN
SKPKKSYIATQGCLQNTVNDFWRMVFQENSRVIVMTTKEVERGKSKCVKYWPDEYALKEYGVMRVRNVKESAAHDYTLRE
LKLSKVGQGNTERTVWQYHFRTWPDHGVPSDPGGVLDFLEEVHHKQESIMDAGPVVVHCSAGIGRTGTFIVIDILIDIIR
EKGVDCDIDVPKTIQMVRSQRSGMVQTEAQYRFIYMAVQHYIETL
;
_entity_poly.pdbx_strand_id   A,B
#
# COMPACT_ATOMS: atom_id res chain seq x y z
N ARG A 4 -36.00 -16.39 7.10
CA ARG A 4 -35.22 -15.34 7.78
C ARG A 4 -35.99 -14.67 8.92
N ARG A 5 -36.92 -15.40 9.54
CA ARG A 5 -37.70 -14.85 10.66
C ARG A 5 -36.89 -14.69 11.97
N TRP A 6 -35.69 -15.29 12.03
CA TRP A 6 -34.80 -15.17 13.18
C TRP A 6 -34.20 -13.75 13.31
N PHE A 7 -34.45 -12.83 12.36
CA PHE A 7 -33.92 -11.48 12.43
C PHE A 7 -34.98 -10.55 12.96
N HIS A 8 -34.73 -9.88 14.10
CA HIS A 8 -35.71 -8.96 14.69
C HIS A 8 -35.15 -7.55 14.51
N PRO A 9 -35.80 -6.69 13.73
CA PRO A 9 -35.19 -5.39 13.43
C PRO A 9 -35.24 -4.33 14.52
N ASN A 10 -36.21 -4.39 15.42
CA ASN A 10 -36.40 -3.33 16.39
C ASN A 10 -36.16 -3.69 17.87
N ILE A 11 -35.73 -4.91 18.20
CA ILE A 11 -35.55 -5.27 19.61
C ILE A 11 -34.21 -4.87 20.26
N THR A 12 -34.28 -4.58 21.56
CA THR A 12 -33.13 -4.25 22.38
C THR A 12 -32.53 -5.56 22.92
N GLY A 13 -31.32 -5.50 23.48
CA GLY A 13 -30.69 -6.66 24.10
C GLY A 13 -31.49 -7.22 25.25
N VAL A 14 -32.12 -6.34 26.05
CA VAL A 14 -32.93 -6.79 27.19
C VAL A 14 -34.18 -7.49 26.67
N GLU A 15 -34.85 -6.92 25.66
CA GLU A 15 -36.01 -7.56 25.03
C GLU A 15 -35.66 -8.93 24.42
N ALA A 16 -34.47 -9.04 23.80
CA ALA A 16 -33.98 -10.29 23.23
C ALA A 16 -33.73 -11.32 24.33
N GLU A 17 -33.18 -10.88 25.48
CA GLU A 17 -32.94 -11.78 26.60
C GLU A 17 -34.26 -12.32 27.12
N ASN A 18 -35.24 -11.43 27.36
CA ASN A 18 -36.56 -11.82 27.86
C ASN A 18 -37.28 -12.79 26.91
N LEU A 19 -37.23 -12.51 25.58
CA LEU A 19 -37.84 -13.35 24.54
C LEU A 19 -37.21 -14.74 24.54
N LEU A 20 -35.87 -14.84 24.65
CA LEU A 20 -35.18 -16.13 24.63
C LEU A 20 -35.39 -16.93 25.92
N LEU A 21 -35.55 -16.23 27.05
CA LEU A 21 -35.73 -16.89 28.34
C LEU A 21 -37.17 -17.36 28.55
N THR A 22 -38.15 -16.64 28.00
CA THR A 22 -39.56 -16.97 28.19
C THR A 22 -40.22 -17.67 27.02
N ARG A 23 -39.77 -17.39 25.77
CA ARG A 23 -40.37 -18.02 24.60
C ARG A 23 -39.47 -19.02 23.86
N GLY A 24 -38.21 -19.12 24.27
CA GLY A 24 -37.23 -20.01 23.66
C GLY A 24 -36.74 -21.08 24.61
N VAL A 25 -35.84 -21.94 24.12
CA VAL A 25 -35.22 -23.03 24.86
C VAL A 25 -33.69 -23.03 24.61
N ASP A 26 -32.90 -23.94 25.25
CA ASP A 26 -31.46 -24.04 24.98
C ASP A 26 -31.26 -24.38 23.50
N GLY A 27 -30.50 -23.56 22.81
CA GLY A 27 -30.32 -23.71 21.36
C GLY A 27 -31.08 -22.65 20.58
N SER A 28 -32.00 -21.89 21.24
CA SER A 28 -32.76 -20.82 20.56
C SER A 28 -31.85 -19.62 20.28
N PHE A 29 -32.10 -18.94 19.16
CA PHE A 29 -31.28 -17.80 18.78
C PHE A 29 -32.07 -16.82 17.97
N LEU A 30 -31.58 -15.59 17.93
CA LEU A 30 -32.08 -14.53 17.06
C LEU A 30 -30.91 -13.61 16.71
N ALA A 31 -31.07 -12.81 15.67
CA ALA A 31 -30.08 -11.81 15.29
C ALA A 31 -30.81 -10.47 15.27
N ARG A 32 -30.11 -9.37 15.54
CA ARG A 32 -30.73 -8.06 15.59
C ARG A 32 -29.70 -6.94 15.34
N PRO A 33 -30.14 -5.73 14.95
CA PRO A 33 -29.17 -4.62 14.83
C PRO A 33 -28.66 -4.23 16.22
N SER A 34 -27.44 -3.74 16.31
CA SER A 34 -26.85 -3.34 17.58
C SER A 34 -27.44 -1.98 17.96
N ASN A 37 -23.93 0.29 19.11
CA ASN A 37 -23.16 0.80 17.97
C ASN A 37 -23.89 0.56 16.66
N PRO A 38 -24.80 1.47 16.26
CA PRO A 38 -25.53 1.28 15.00
C PRO A 38 -24.61 1.03 13.81
N GLY A 39 -24.93 0.02 13.01
CA GLY A 39 -24.09 -0.43 11.91
C GLY A 39 -23.66 -1.87 12.14
N ASP A 40 -23.52 -2.26 13.42
CA ASP A 40 -23.17 -3.61 13.82
C ASP A 40 -24.45 -4.42 14.09
N PHE A 41 -24.30 -5.72 14.28
CA PHE A 41 -25.40 -6.65 14.57
C PHE A 41 -25.01 -7.51 15.76
N THR A 42 -25.99 -8.17 16.36
CA THR A 42 -25.75 -9.03 17.49
C THR A 42 -26.51 -10.35 17.31
N LEU A 43 -25.84 -11.45 17.57
CA LEU A 43 -26.44 -12.75 17.57
C LEU A 43 -26.71 -13.11 19.05
N SER A 44 -27.97 -13.17 19.48
CA SER A 44 -28.30 -13.51 20.87
C SER A 44 -28.72 -14.98 20.92
N VAL A 45 -28.01 -15.81 21.72
CA VAL A 45 -28.21 -17.25 21.78
C VAL A 45 -28.47 -17.74 23.20
N ARG A 46 -29.46 -18.64 23.38
CA ARG A 46 -29.71 -19.26 24.67
C ARG A 46 -28.88 -20.53 24.77
N ARG A 47 -28.09 -20.64 25.85
CA ARG A 47 -27.23 -21.77 26.13
C ARG A 47 -27.28 -22.04 27.63
N ASN A 48 -27.62 -23.25 28.02
CA ASN A 48 -27.75 -23.71 29.42
C ASN A 48 -28.51 -22.73 30.35
N GLY A 49 -29.68 -22.28 29.89
CA GLY A 49 -30.53 -21.37 30.67
C GLY A 49 -30.09 -19.91 30.70
N ALA A 50 -28.99 -19.58 30.02
CA ALA A 50 -28.50 -18.20 29.99
C ALA A 50 -28.40 -17.67 28.55
N VAL A 51 -28.41 -16.33 28.38
CA VAL A 51 -28.33 -15.73 27.06
C VAL A 51 -26.97 -15.04 26.82
N THR A 52 -26.28 -15.39 25.72
CA THR A 52 -25.01 -14.77 25.29
C THR A 52 -25.33 -13.89 24.07
N HIS A 53 -24.70 -12.71 23.99
CA HIS A 53 -24.84 -11.78 22.88
C HIS A 53 -23.49 -11.69 22.16
N ILE A 54 -23.40 -12.20 20.93
CA ILE A 54 -22.19 -12.21 20.12
C ILE A 54 -22.18 -11.09 19.07
N LYS A 55 -21.08 -10.32 19.02
CA LYS A 55 -21.00 -9.20 18.11
C LYS A 55 -20.75 -9.64 16.69
N ILE A 56 -21.42 -8.99 15.75
CA ILE A 56 -21.22 -9.17 14.31
C ILE A 56 -20.91 -7.78 13.82
N GLN A 57 -19.73 -7.59 13.25
CA GLN A 57 -19.31 -6.28 12.78
C GLN A 57 -19.33 -6.22 11.25
N ASN A 58 -19.71 -5.10 10.68
CA ASN A 58 -19.63 -4.92 9.24
C ASN A 58 -19.27 -3.48 8.89
N THR A 59 -18.01 -3.24 8.55
CA THR A 59 -17.58 -1.89 8.12
C THR A 59 -17.78 -1.66 6.61
N GLY A 60 -18.21 -2.67 5.88
CA GLY A 60 -18.45 -2.56 4.44
C GLY A 60 -17.90 -3.70 3.61
N ASP A 61 -17.13 -4.62 4.20
CA ASP A 61 -16.52 -5.70 3.40
C ASP A 61 -17.10 -7.09 3.58
N TYR A 62 -17.66 -7.40 4.74
CA TYR A 62 -18.19 -8.72 5.12
C TYR A 62 -18.72 -8.65 6.56
N TYR A 63 -19.52 -9.64 6.96
CA TYR A 63 -20.05 -9.75 8.32
C TYR A 63 -19.01 -10.55 9.09
N ASP A 64 -18.43 -9.94 10.11
CA ASP A 64 -17.38 -10.59 10.91
C ASP A 64 -17.96 -10.94 12.31
N LEU A 65 -18.21 -12.23 12.53
CA LEU A 65 -18.80 -12.73 13.77
C LEU A 65 -17.70 -12.99 14.77
N TYR A 66 -17.77 -12.35 15.96
CA TYR A 66 -16.76 -12.54 17.01
C TYR A 66 -16.67 -14.02 17.41
N GLY A 67 -15.47 -14.59 17.38
CA GLY A 67 -15.29 -16.01 17.71
C GLY A 67 -15.84 -16.96 16.66
N GLY A 68 -16.13 -16.42 15.47
CA GLY A 68 -16.59 -17.20 14.34
C GLY A 68 -15.87 -16.79 13.07
N GLU A 69 -16.50 -16.99 11.92
CA GLU A 69 -15.91 -16.66 10.64
C GLU A 69 -16.50 -15.39 10.00
N LYS A 70 -16.07 -15.08 8.76
CA LYS A 70 -16.55 -13.94 7.99
C LYS A 70 -17.50 -14.44 6.92
N PHE A 71 -18.62 -13.73 6.74
CA PHE A 71 -19.68 -14.18 5.84
C PHE A 71 -20.16 -13.07 4.94
N ALA A 72 -20.74 -13.46 3.79
CA ALA A 72 -21.27 -12.50 2.83
C ALA A 72 -22.64 -11.98 3.25
N THR A 73 -23.45 -12.79 3.92
CA THR A 73 -24.79 -12.35 4.38
C THR A 73 -25.10 -12.98 5.73
N LEU A 74 -26.04 -12.41 6.50
CA LEU A 74 -26.46 -13.00 7.78
C LEU A 74 -27.20 -14.31 7.51
N ALA A 75 -27.95 -14.42 6.37
CA ALA A 75 -28.60 -15.70 6.04
C ALA A 75 -27.55 -16.79 5.77
N GLU A 76 -26.43 -16.42 5.11
CA GLU A 76 -25.37 -17.41 4.83
C GLU A 76 -24.66 -17.80 6.14
N LEU A 77 -24.48 -16.83 7.06
CA LEU A 77 -23.90 -17.02 8.38
C LEU A 77 -24.79 -18.04 9.16
N VAL A 78 -26.11 -17.78 9.28
CA VAL A 78 -27.03 -18.64 10.01
C VAL A 78 -27.11 -20.03 9.40
N GLN A 79 -27.19 -20.15 8.06
CA GLN A 79 -27.24 -21.45 7.39
C GLN A 79 -26.00 -22.28 7.71
N TYR A 80 -24.83 -21.62 7.73
CA TYR A 80 -23.57 -22.26 8.01
C TYR A 80 -23.55 -22.87 9.42
N TYR A 81 -23.83 -22.07 10.46
CA TYR A 81 -23.82 -22.56 11.84
C TYR A 81 -24.96 -23.51 12.14
N MET A 82 -26.09 -23.41 11.43
CA MET A 82 -27.17 -24.38 11.61
C MET A 82 -26.82 -25.75 11.00
N GLU A 83 -25.93 -25.79 9.98
CA GLU A 83 -25.54 -27.03 9.33
C GLU A 83 -24.13 -27.53 9.71
N HIS A 84 -23.41 -26.80 10.57
CA HIS A 84 -22.05 -27.19 10.96
C HIS A 84 -21.87 -27.16 12.48
N GLY A 86 -20.18 -27.54 15.94
CA GLY A 86 -19.15 -27.14 16.89
C GLY A 86 -18.22 -26.05 16.38
N GLN A 87 -18.69 -25.25 15.42
CA GLN A 87 -17.87 -24.20 14.84
C GLN A 87 -17.93 -22.87 15.57
N LEU A 88 -19.01 -22.58 16.31
CA LEU A 88 -19.13 -21.31 17.02
C LEU A 88 -18.70 -21.39 18.51
N LYS A 89 -17.69 -20.59 18.90
CA LYS A 89 -17.21 -20.56 20.28
C LYS A 89 -17.22 -19.13 20.82
N ILE A 96 -21.29 -22.92 21.45
CA ILE A 96 -22.53 -22.20 21.14
C ILE A 96 -23.23 -22.83 19.94
N GLU A 97 -24.38 -23.47 20.18
CA GLU A 97 -25.16 -24.12 19.13
C GLU A 97 -26.37 -23.28 18.71
N LEU A 98 -26.61 -23.19 17.40
CA LEU A 98 -27.78 -22.46 16.88
C LEU A 98 -28.75 -23.52 16.37
N LYS A 99 -29.71 -23.94 17.21
CA LYS A 99 -30.62 -25.01 16.84
C LYS A 99 -31.98 -24.52 16.43
N TYR A 100 -32.54 -23.58 17.19
CA TYR A 100 -33.91 -23.15 16.94
C TYR A 100 -34.04 -21.68 16.71
N PRO A 101 -34.37 -21.27 15.48
CA PRO A 101 -34.63 -19.83 15.27
C PRO A 101 -35.83 -19.37 16.10
N LEU A 102 -35.71 -18.19 16.74
CA LEU A 102 -36.84 -17.65 17.51
C LEU A 102 -37.44 -16.63 16.57
N ASN A 103 -38.60 -16.95 16.01
CA ASN A 103 -39.25 -16.16 14.99
C ASN A 103 -39.81 -14.82 15.43
N CYS A 104 -39.64 -13.84 14.57
CA CYS A 104 -40.06 -12.45 14.74
C CYS A 104 -41.45 -12.26 14.13
N ALA A 105 -42.36 -11.64 14.87
CA ALA A 105 -43.70 -11.35 14.38
C ALA A 105 -43.82 -9.91 13.81
N ASP A 106 -42.74 -9.09 13.93
CA ASP A 106 -42.72 -7.69 13.47
C ASP A 106 -42.79 -7.62 11.92
N PRO A 107 -43.83 -7.00 11.37
CA PRO A 107 -43.94 -6.93 9.90
C PRO A 107 -43.18 -5.77 9.24
N THR A 108 -42.47 -4.93 9.99
CA THR A 108 -41.82 -3.73 9.45
C THR A 108 -40.87 -3.96 8.30
N SER A 109 -40.26 -5.16 8.16
CA SER A 109 -39.34 -5.39 7.04
C SER A 109 -39.94 -6.23 5.92
N GLU A 110 -41.29 -6.38 5.89
CA GLU A 110 -41.95 -7.06 4.81
C GLU A 110 -42.14 -6.06 3.66
N ARG A 111 -41.95 -6.52 2.42
CA ARG A 111 -42.10 -5.69 1.22
C ARG A 111 -43.53 -5.11 1.09
N TRP A 112 -44.54 -5.83 1.61
CA TRP A 112 -45.93 -5.41 1.49
C TRP A 112 -46.43 -4.51 2.65
N PHE A 113 -45.64 -4.38 3.72
CA PHE A 113 -46.08 -3.59 4.88
C PHE A 113 -45.80 -2.09 4.77
N HIS A 114 -46.82 -1.24 4.94
CA HIS A 114 -46.65 0.20 4.83
C HIS A 114 -47.06 1.02 6.06
N GLY A 115 -47.04 0.42 7.24
CA GLY A 115 -47.36 1.05 8.52
C GLY A 115 -48.40 2.14 8.50
N HIS A 116 -47.98 3.38 8.77
CA HIS A 116 -48.91 4.51 8.70
C HIS A 116 -49.05 4.97 7.27
N LEU A 117 -50.12 4.54 6.62
CA LEU A 117 -50.47 4.85 5.26
C LEU A 117 -51.98 4.88 5.23
N SER A 118 -52.58 5.96 4.74
CA SER A 118 -54.03 6.11 4.72
C SER A 118 -54.68 5.34 3.57
N GLY A 119 -55.99 5.13 3.64
CA GLY A 119 -56.74 4.40 2.63
C GLY A 119 -56.81 5.08 1.29
N LYS A 120 -56.75 6.43 1.29
CA LYS A 120 -56.78 7.21 0.06
C LYS A 120 -55.39 7.11 -0.60
N GLU A 121 -54.33 7.25 0.19
CA GLU A 121 -52.94 7.14 -0.28
C GLU A 121 -52.72 5.74 -0.88
N ALA A 122 -53.18 4.69 -0.18
CA ALA A 122 -53.10 3.31 -0.64
C ALA A 122 -53.87 3.05 -1.92
N GLU A 123 -55.10 3.59 -2.04
CA GLU A 123 -55.87 3.42 -3.29
C GLU A 123 -55.15 4.16 -4.44
N LYS A 124 -54.58 5.32 -4.17
CA LYS A 124 -53.85 6.09 -5.17
C LYS A 124 -52.65 5.29 -5.70
N LEU A 125 -51.87 4.68 -4.79
CA LEU A 125 -50.69 3.88 -5.17
C LEU A 125 -51.07 2.62 -5.92
N LEU A 126 -52.10 1.89 -5.46
CA LEU A 126 -52.55 0.70 -6.18
C LEU A 126 -53.12 1.05 -7.55
N THR A 127 -53.74 2.22 -7.70
CA THR A 127 -54.31 2.64 -8.97
C THR A 127 -53.21 3.07 -9.97
N GLU A 128 -52.27 3.90 -9.54
CA GLU A 128 -51.20 4.38 -10.42
C GLU A 128 -50.09 3.38 -10.71
N LYS A 129 -49.66 2.64 -9.69
CA LYS A 129 -48.50 1.73 -9.80
C LYS A 129 -48.81 0.25 -9.81
N GLY A 130 -50.03 -0.12 -9.46
CA GLY A 130 -50.39 -1.53 -9.36
C GLY A 130 -50.81 -2.19 -10.66
N LYS A 131 -50.94 -3.51 -10.60
CA LYS A 131 -51.40 -4.40 -11.67
C LYS A 131 -52.18 -5.57 -11.02
N HIS A 132 -52.66 -6.56 -11.81
CA HIS A 132 -53.42 -7.67 -11.23
C HIS A 132 -52.64 -8.43 -10.14
N GLY A 133 -53.22 -8.50 -8.95
CA GLY A 133 -52.62 -9.17 -7.82
C GLY A 133 -51.65 -8.34 -7.00
N SER A 134 -51.57 -7.00 -7.22
CA SER A 134 -50.69 -6.15 -6.39
C SER A 134 -51.36 -5.92 -5.05
N PHE A 135 -50.62 -6.05 -3.94
CA PHE A 135 -51.20 -5.83 -2.62
C PHE A 135 -50.28 -5.12 -1.64
N LEU A 136 -50.88 -4.61 -0.56
CA LEU A 136 -50.18 -3.98 0.55
C LEU A 136 -50.99 -4.17 1.85
N VAL A 137 -50.33 -4.00 2.98
CA VAL A 137 -50.97 -4.08 4.28
C VAL A 137 -50.58 -2.81 5.01
N ARG A 138 -51.56 -2.09 5.56
CA ARG A 138 -51.30 -0.85 6.29
C ARG A 138 -52.04 -0.84 7.65
N GLU A 139 -51.61 -0.01 8.60
CA GLU A 139 -52.26 0.10 9.91
C GLU A 139 -53.55 0.88 9.73
N PRO A 144 -56.95 1.51 15.07
CA PRO A 144 -56.06 1.60 16.23
C PRO A 144 -55.66 0.21 16.71
N GLY A 145 -54.75 -0.41 15.99
CA GLY A 145 -54.32 -1.77 16.29
C GLY A 145 -54.78 -2.77 15.23
N ASP A 146 -55.76 -2.40 14.41
CA ASP A 146 -56.19 -3.24 13.30
C ASP A 146 -55.44 -2.86 12.02
N PHE A 147 -55.53 -3.71 11.01
CA PHE A 147 -54.81 -3.47 9.76
C PHE A 147 -55.75 -3.60 8.58
N VAL A 148 -55.33 -3.14 7.41
CA VAL A 148 -56.12 -3.27 6.19
C VAL A 148 -55.26 -3.87 5.11
N LEU A 149 -55.76 -4.91 4.45
CA LEU A 149 -55.10 -5.56 3.32
C LEU A 149 -55.78 -5.00 2.08
N SER A 150 -55.04 -4.30 1.21
CA SER A 150 -55.64 -3.73 0.00
C SER A 150 -55.04 -4.43 -1.20
N VAL A 151 -55.90 -4.96 -2.06
CA VAL A 151 -55.52 -5.76 -3.23
C VAL A 151 -56.11 -5.18 -4.51
N ARG A 152 -55.33 -5.16 -5.60
CA ARG A 152 -55.86 -4.77 -6.90
C ARG A 152 -56.07 -6.05 -7.71
N THR A 153 -57.22 -6.15 -8.39
CA THR A 153 -57.50 -7.28 -9.27
C THR A 153 -58.06 -6.75 -10.59
N GLY A 154 -57.82 -7.48 -11.67
CA GLY A 154 -58.37 -7.08 -12.96
C GLY A 154 -57.58 -7.48 -14.19
N ASP A 155 -57.68 -6.66 -15.23
CA ASP A 155 -57.01 -6.88 -16.50
C ASP A 155 -56.19 -5.64 -16.86
N SER A 165 -60.56 -3.39 -13.89
CA SER A 165 -59.77 -3.48 -12.65
C SER A 165 -60.42 -2.76 -11.47
N LYS A 166 -60.08 -3.17 -10.25
CA LYS A 166 -60.62 -2.58 -9.04
C LYS A 166 -59.69 -2.82 -7.83
N VAL A 167 -59.91 -2.08 -6.74
CA VAL A 167 -59.17 -2.29 -5.50
C VAL A 167 -60.18 -2.80 -4.43
N THR A 168 -59.80 -3.86 -3.65
CA THR A 168 -60.62 -4.44 -2.57
C THR A 168 -59.84 -4.31 -1.28
N HIS A 169 -60.50 -3.82 -0.21
CA HIS A 169 -59.94 -3.61 1.11
C HIS A 169 -60.54 -4.63 2.07
N VAL A 170 -59.68 -5.45 2.68
CA VAL A 170 -60.09 -6.48 3.61
C VAL A 170 -59.57 -6.07 5.00
N MET A 171 -60.47 -6.01 5.98
CA MET A 171 -60.12 -5.64 7.35
C MET A 171 -59.46 -6.80 8.05
N ILE A 172 -58.36 -6.53 8.78
CA ILE A 172 -57.63 -7.53 9.55
C ILE A 172 -57.77 -7.09 10.98
N ARG A 173 -58.47 -7.87 11.80
CA ARG A 173 -58.66 -7.53 13.21
C ARG A 173 -57.55 -8.05 14.08
N CYS A 174 -57.18 -7.28 15.09
CA CYS A 174 -56.23 -7.73 16.08
C CYS A 174 -57.07 -8.00 17.32
N GLN A 175 -57.25 -9.26 17.66
CA GLN A 175 -58.07 -9.63 18.82
C GLN A 175 -57.22 -10.53 19.70
N GLU A 176 -56.90 -10.05 20.91
CA GLU A 176 -56.11 -10.79 21.90
C GLU A 176 -54.79 -11.32 21.36
N LEU A 177 -54.02 -10.44 20.69
CA LEU A 177 -52.69 -10.71 20.14
C LEU A 177 -52.67 -11.47 18.82
N LYS A 178 -53.83 -11.92 18.31
CA LYS A 178 -53.87 -12.64 17.04
C LYS A 178 -54.57 -11.86 15.93
N TYR A 179 -54.33 -12.25 14.67
CA TYR A 179 -54.87 -11.58 13.50
C TYR A 179 -55.83 -12.46 12.70
N ASP A 180 -56.91 -11.87 12.19
CA ASP A 180 -57.88 -12.62 11.40
C ASP A 180 -58.62 -11.69 10.44
N VAL A 181 -59.21 -12.24 9.39
CA VAL A 181 -59.97 -11.46 8.42
C VAL A 181 -61.49 -11.55 8.66
N GLY A 182 -61.90 -11.73 9.91
CA GLY A 182 -63.32 -11.76 10.26
C GLY A 182 -63.91 -13.14 10.50
N GLY A 183 -63.14 -14.18 10.22
CA GLY A 183 -63.54 -15.57 10.38
C GLY A 183 -62.42 -16.52 9.99
N GLY A 184 -62.55 -17.77 10.40
CA GLY A 184 -61.59 -18.82 10.06
C GLY A 184 -60.44 -18.91 11.03
N GLU A 185 -59.22 -19.03 10.49
CA GLU A 185 -58.02 -19.13 11.30
C GLU A 185 -57.58 -17.78 11.90
N ARG A 186 -56.93 -17.84 13.06
CA ARG A 186 -56.38 -16.68 13.77
C ARG A 186 -54.87 -16.86 13.77
N PHE A 187 -54.12 -15.90 13.24
CA PHE A 187 -52.66 -15.99 13.09
C PHE A 187 -51.85 -15.26 14.16
N ASP A 188 -50.66 -15.80 14.50
CA ASP A 188 -49.79 -15.16 15.49
C ASP A 188 -49.07 -13.90 14.97
N SER A 189 -49.11 -13.67 13.64
CA SER A 189 -48.49 -12.51 13.03
C SER A 189 -49.15 -12.16 11.68
N LEU A 190 -48.96 -10.93 11.22
CA LEU A 190 -49.46 -10.50 9.91
C LEU A 190 -48.77 -11.27 8.79
N THR A 191 -47.49 -11.66 8.99
CA THR A 191 -46.76 -12.46 8.00
C THR A 191 -47.45 -13.83 7.81
N ASP A 192 -47.80 -14.50 8.90
CA ASP A 192 -48.51 -15.79 8.83
C ASP A 192 -49.88 -15.62 8.12
N LEU A 193 -50.58 -14.50 8.39
CA LEU A 193 -51.86 -14.24 7.73
C LEU A 193 -51.69 -14.11 6.22
N VAL A 194 -50.77 -13.24 5.80
CA VAL A 194 -50.49 -12.96 4.39
C VAL A 194 -50.01 -14.21 3.69
N GLU A 195 -49.12 -15.00 4.31
CA GLU A 195 -48.65 -16.24 3.66
C GLU A 195 -49.79 -17.22 3.51
N HIS A 196 -50.64 -17.33 4.53
CA HIS A 196 -51.82 -18.18 4.45
C HIS A 196 -52.73 -17.79 3.28
N TYR A 197 -53.12 -16.50 3.18
CA TYR A 197 -54.03 -16.07 2.11
C TYR A 197 -53.31 -15.85 0.76
N LYS A 198 -51.99 -16.02 0.70
CA LYS A 198 -51.22 -16.04 -0.52
C LYS A 198 -51.37 -17.48 -1.09
N LYS A 199 -51.24 -18.50 -0.24
CA LYS A 199 -51.36 -19.91 -0.57
C LYS A 199 -52.82 -20.28 -0.85
N ASN A 200 -53.75 -19.83 0.02
CA ASN A 200 -55.20 -20.11 -0.04
C ASN A 200 -55.95 -18.79 -0.22
N PRO A 201 -56.11 -18.32 -1.47
CA PRO A 201 -56.73 -17.02 -1.68
C PRO A 201 -58.20 -16.87 -1.25
N MET A 202 -58.54 -15.68 -0.74
CA MET A 202 -59.89 -15.33 -0.35
C MET A 202 -60.71 -15.21 -1.65
N VAL A 203 -61.93 -15.76 -1.67
CA VAL A 203 -62.77 -15.67 -2.88
C VAL A 203 -64.04 -14.91 -2.53
N GLU A 204 -64.33 -13.86 -3.30
CA GLU A 204 -65.56 -13.09 -3.10
C GLU A 204 -66.71 -13.98 -3.59
N THR A 205 -67.85 -13.93 -2.92
CA THR A 205 -68.96 -14.84 -3.21
C THR A 205 -69.46 -14.75 -4.69
N LEU A 206 -69.14 -13.65 -5.42
CA LEU A 206 -69.51 -13.59 -6.84
C LEU A 206 -68.39 -14.11 -7.79
N GLY A 207 -67.34 -14.72 -7.24
CA GLY A 207 -66.29 -15.34 -8.04
C GLY A 207 -64.89 -14.78 -8.00
N THR A 208 -64.72 -13.48 -7.74
CA THR A 208 -63.39 -12.84 -7.73
C THR A 208 -62.40 -13.44 -6.76
N VAL A 209 -61.24 -13.89 -7.26
CA VAL A 209 -60.17 -14.43 -6.43
C VAL A 209 -59.26 -13.25 -6.01
N LEU A 210 -59.11 -13.02 -4.71
CA LEU A 210 -58.27 -11.93 -4.20
C LEU A 210 -56.82 -12.39 -4.13
N GLN A 211 -56.24 -12.67 -5.30
CA GLN A 211 -54.88 -13.18 -5.45
C GLN A 211 -53.85 -12.17 -4.96
N LEU A 212 -53.00 -12.59 -4.04
CA LEU A 212 -51.94 -11.75 -3.51
C LEU A 212 -50.70 -12.18 -4.28
N LYS A 213 -50.59 -11.72 -5.52
CA LYS A 213 -49.53 -12.12 -6.44
C LYS A 213 -48.18 -11.49 -6.15
N GLN A 214 -48.14 -10.17 -5.93
CA GLN A 214 -46.88 -9.48 -5.67
C GLN A 214 -47.11 -8.23 -4.85
N PRO A 215 -46.16 -7.86 -3.97
CA PRO A 215 -46.33 -6.62 -3.21
C PRO A 215 -46.29 -5.42 -4.13
N LEU A 216 -47.03 -4.36 -3.79
CA LEU A 216 -47.04 -3.13 -4.57
C LEU A 216 -45.61 -2.55 -4.61
N ASN A 217 -45.12 -2.26 -5.82
CA ASN A 217 -43.78 -1.70 -5.93
C ASN A 217 -43.87 -0.23 -5.65
N THR A 218 -43.23 0.24 -4.58
CA THR A 218 -43.15 1.67 -4.23
C THR A 218 -41.69 2.21 -4.27
N THR A 219 -40.72 1.35 -4.61
CA THR A 219 -39.31 1.73 -4.66
C THR A 219 -38.88 2.25 -6.03
N ARG A 220 -39.54 1.79 -7.10
CA ARG A 220 -39.24 2.25 -8.46
C ARG A 220 -39.67 3.71 -8.60
N ILE A 221 -38.72 4.59 -8.89
CA ILE A 221 -38.96 6.01 -9.05
C ILE A 221 -38.48 6.47 -10.41
N ASN A 222 -39.03 7.59 -10.87
CA ASN A 222 -38.54 8.23 -12.07
C ASN A 222 -37.24 8.93 -11.63
N ALA A 223 -36.16 8.82 -12.43
CA ALA A 223 -34.84 9.37 -12.08
C ALA A 223 -34.88 10.85 -11.72
N ALA A 224 -35.73 11.64 -12.39
CA ALA A 224 -35.82 13.06 -12.11
C ALA A 224 -36.37 13.39 -10.72
N GLU A 225 -37.00 12.42 -10.04
CA GLU A 225 -37.50 12.68 -8.69
C GLU A 225 -36.64 12.03 -7.59
N ILE A 226 -35.35 11.70 -7.90
CA ILE A 226 -34.41 11.13 -6.92
C ILE A 226 -34.24 12.05 -5.71
N GLU A 227 -34.10 13.37 -5.93
CA GLU A 227 -33.93 14.35 -4.85
C GLU A 227 -35.05 14.25 -3.82
N SER A 228 -36.29 14.20 -4.30
CA SER A 228 -37.50 14.07 -3.49
C SER A 228 -37.52 12.75 -2.70
N ARG A 229 -37.20 11.63 -3.36
CA ARG A 229 -37.14 10.33 -2.69
C ARG A 229 -36.03 10.30 -1.62
N VAL A 230 -34.86 10.89 -1.90
CA VAL A 230 -33.74 10.95 -0.95
C VAL A 230 -34.12 11.80 0.27
N ARG A 231 -34.84 12.89 0.04
CA ARG A 231 -35.32 13.78 1.10
C ARG A 231 -36.32 13.02 1.99
N GLU A 232 -37.24 12.26 1.38
CA GLU A 232 -38.21 11.47 2.16
C GLU A 232 -37.50 10.32 2.90
N LEU A 233 -36.52 9.65 2.26
CA LEU A 233 -35.76 8.57 2.92
C LEU A 233 -34.86 9.09 4.05
N SER A 234 -34.47 10.38 3.99
CA SER A 234 -33.62 10.99 5.02
C SER A 234 -34.38 11.34 6.30
N LYS A 235 -35.71 11.47 6.25
CA LYS A 235 -36.50 11.73 7.46
C LYS A 235 -36.56 10.47 8.36
N LEU A 236 -36.86 10.65 9.65
CA LEU A 236 -36.95 9.54 10.59
C LEU A 236 -38.19 8.65 10.31
N GLN A 245 -34.44 6.25 10.30
CA GLN A 245 -34.57 6.88 8.97
C GLN A 245 -35.20 5.96 7.90
N GLY A 246 -35.80 6.58 6.88
CA GLY A 246 -36.43 5.87 5.77
C GLY A 246 -35.46 4.97 5.03
N PHE A 247 -34.17 5.38 4.96
CA PHE A 247 -33.13 4.58 4.33
C PHE A 247 -32.97 3.26 5.06
N TRP A 248 -33.02 3.29 6.41
CA TRP A 248 -32.84 2.07 7.23
C TRP A 248 -33.94 1.06 6.95
N GLU A 249 -35.20 1.53 6.90
CA GLU A 249 -36.33 0.67 6.68
C GLU A 249 -36.25 0.01 5.31
N GLU A 250 -35.99 0.81 4.29
CA GLU A 250 -35.88 0.28 2.93
C GLU A 250 -34.74 -0.76 2.80
N PHE A 251 -33.56 -0.45 3.36
CA PHE A 251 -32.42 -1.37 3.34
C PHE A 251 -32.73 -2.67 4.05
N GLU A 252 -33.27 -2.61 5.28
CA GLU A 252 -33.59 -3.83 6.01
C GLU A 252 -34.72 -4.64 5.36
N THR A 253 -35.62 -3.98 4.62
CA THR A 253 -36.65 -4.70 3.86
C THR A 253 -35.96 -5.47 2.70
N LEU A 254 -34.94 -4.87 2.07
CA LEU A 254 -34.17 -5.55 1.01
C LEU A 254 -33.37 -6.73 1.67
N GLN A 255 -32.72 -6.49 2.82
CA GLN A 255 -31.98 -7.55 3.53
C GLN A 255 -32.87 -8.75 3.86
N GLN A 256 -34.14 -8.50 4.19
CA GLN A 256 -35.07 -9.57 4.53
C GLN A 256 -35.27 -10.55 3.35
N GLN A 257 -35.07 -10.10 2.12
CA GLN A 257 -35.21 -10.93 0.91
C GLN A 257 -33.95 -11.72 0.53
N GLU A 258 -32.86 -11.57 1.29
CA GLU A 258 -31.62 -12.27 0.97
C GLU A 258 -31.75 -13.79 1.15
N CYS A 259 -32.75 -14.29 1.94
CA CYS A 259 -32.89 -15.73 2.11
CA CYS A 259 -32.93 -15.73 2.12
C CYS A 259 -33.37 -16.43 0.81
N LYS A 260 -33.81 -15.66 -0.18
CA LYS A 260 -34.20 -16.22 -1.48
C LYS A 260 -32.96 -16.48 -2.38
N LEU A 261 -31.78 -16.03 -1.95
CA LEU A 261 -30.53 -16.07 -2.70
C LEU A 261 -29.52 -17.08 -2.15
N LEU A 262 -29.98 -18.13 -1.43
CA LEU A 262 -29.07 -19.16 -0.92
C LEU A 262 -28.75 -20.20 -2.00
N TYR A 263 -28.13 -19.73 -3.09
CA TYR A 263 -27.77 -20.59 -4.22
C TYR A 263 -26.51 -21.39 -3.87
N SER A 264 -26.36 -22.56 -4.51
CA SER A 264 -25.24 -23.43 -4.21
C SER A 264 -23.90 -22.83 -4.59
N ARG A 265 -22.91 -23.13 -3.75
CA ARG A 265 -21.53 -22.68 -3.90
C ARG A 265 -20.60 -23.89 -3.64
N LYS A 266 -20.95 -25.07 -4.19
CA LYS A 266 -20.20 -26.31 -4.03
C LYS A 266 -18.79 -26.27 -4.60
N GLU A 267 -18.59 -25.66 -5.79
CA GLU A 267 -17.25 -25.63 -6.40
C GLU A 267 -16.23 -24.95 -5.53
N GLY A 268 -16.61 -23.85 -4.90
CA GLY A 268 -15.73 -23.13 -3.99
C GLY A 268 -15.45 -23.87 -2.70
N GLN A 269 -16.27 -24.88 -2.37
CA GLN A 269 -16.13 -25.68 -1.14
C GLN A 269 -15.22 -26.89 -1.33
N ARG A 270 -14.86 -27.25 -2.56
CA ARG A 270 -14.00 -28.37 -2.86
C ARG A 270 -12.66 -28.24 -2.22
N GLN A 271 -12.11 -29.36 -1.71
CA GLN A 271 -10.79 -29.37 -1.06
C GLN A 271 -9.71 -28.65 -1.87
N GLU A 272 -9.62 -28.93 -3.16
CA GLU A 272 -8.60 -28.32 -4.03
C GLU A 272 -8.78 -26.83 -4.25
N ASN A 273 -9.96 -26.29 -3.93
CA ASN A 273 -10.28 -24.86 -4.11
C ASN A 273 -10.29 -24.04 -2.83
N LYS A 274 -10.26 -24.70 -1.65
CA LYS A 274 -10.28 -24.00 -0.37
C LYS A 274 -9.24 -22.90 -0.22
N ASN A 275 -7.97 -23.14 -0.59
CA ASN A 275 -6.93 -22.11 -0.43
C ASN A 275 -6.92 -21.06 -1.56
N LYS A 276 -7.87 -21.13 -2.49
CA LYS A 276 -8.02 -20.12 -3.53
C LYS A 276 -9.05 -19.03 -3.12
N ASN A 277 -9.59 -19.12 -1.87
CA ASN A 277 -10.60 -18.20 -1.36
C ASN A 277 -9.96 -17.32 -0.28
N ARG A 278 -10.17 -16.00 -0.34
CA ARG A 278 -9.61 -15.10 0.67
C ARG A 278 -10.27 -15.40 2.04
N TYR A 279 -11.58 -15.63 2.01
CA TYR A 279 -12.36 -15.98 3.18
C TYR A 279 -13.08 -17.29 2.82
N LYS A 280 -12.83 -18.33 3.62
CA LYS A 280 -13.34 -19.68 3.42
C LYS A 280 -14.84 -19.78 3.11
N ASN A 281 -15.66 -18.93 3.74
CA ASN A 281 -17.11 -18.98 3.57
C ASN A 281 -17.67 -17.91 2.66
N ILE A 282 -16.83 -17.12 1.99
CA ILE A 282 -17.30 -16.12 1.04
C ILE A 282 -16.94 -16.68 -0.31
N LEU A 283 -17.95 -17.27 -0.94
CA LEU A 283 -17.77 -18.08 -2.13
C LEU A 283 -18.64 -17.64 -3.29
N PRO A 284 -18.19 -17.95 -4.52
CA PRO A 284 -18.99 -17.63 -5.69
C PRO A 284 -20.08 -18.67 -5.93
N PHE A 285 -21.25 -18.21 -6.40
CA PHE A 285 -22.36 -19.10 -6.75
C PHE A 285 -21.90 -19.97 -7.93
N ASP A 286 -22.21 -21.28 -7.93
CA ASP A 286 -21.81 -22.15 -9.03
C ASP A 286 -22.39 -21.69 -10.35
N HIS A 287 -23.64 -21.22 -10.33
CA HIS A 287 -24.33 -20.89 -11.56
C HIS A 287 -23.81 -19.64 -12.28
N THR A 288 -23.06 -18.74 -11.60
CA THR A 288 -22.51 -17.57 -12.26
C THR A 288 -20.98 -17.45 -12.17
N ARG A 289 -20.32 -18.42 -11.51
CA ARG A 289 -18.86 -18.35 -11.32
C ARG A 289 -18.14 -18.35 -12.65
N VAL A 290 -16.98 -17.68 -12.69
CA VAL A 290 -16.19 -17.68 -13.92
C VAL A 290 -15.43 -19.03 -14.02
N VAL A 291 -15.75 -19.87 -15.01
CA VAL A 291 -15.06 -21.15 -15.19
C VAL A 291 -13.81 -20.94 -16.08
N LEU A 292 -12.61 -21.32 -15.60
CA LEU A 292 -11.35 -21.14 -16.33
C LEU A 292 -11.09 -22.38 -17.16
N HIS A 293 -10.98 -22.26 -18.48
CA HIS A 293 -10.89 -23.44 -19.34
C HIS A 293 -9.49 -24.00 -19.76
N ASP A 294 -8.57 -23.26 -20.35
CA ASP A 294 -7.32 -23.88 -20.87
C ASP A 294 -6.25 -24.17 -19.78
N GLY A 295 -6.65 -24.85 -18.72
CA GLY A 295 -5.79 -25.12 -17.59
C GLY A 295 -4.74 -26.19 -17.81
N ASP A 296 -3.79 -26.24 -16.87
CA ASP A 296 -2.71 -27.23 -16.85
C ASP A 296 -3.32 -28.64 -16.85
N PRO A 297 -3.06 -29.41 -17.92
CA PRO A 297 -3.66 -30.75 -18.01
C PRO A 297 -3.00 -31.74 -17.06
N SER A 302 -7.86 -27.10 -12.45
CA SER A 302 -7.75 -25.66 -12.24
C SER A 302 -8.73 -24.85 -13.06
N ASP A 303 -10.04 -25.09 -12.85
CA ASP A 303 -11.07 -24.28 -13.50
C ASP A 303 -11.65 -23.21 -12.54
N TYR A 304 -11.06 -23.03 -11.36
CA TYR A 304 -11.63 -22.19 -10.34
C TYR A 304 -10.94 -20.88 -10.04
N ILE A 305 -11.77 -19.89 -9.84
CA ILE A 305 -11.41 -18.58 -9.31
C ILE A 305 -12.64 -18.04 -8.56
N ASN A 306 -12.40 -17.37 -7.44
CA ASN A 306 -13.49 -16.81 -6.65
C ASN A 306 -13.90 -15.54 -7.37
N ALA A 307 -14.84 -15.66 -8.31
CA ALA A 307 -15.26 -14.57 -9.19
C ALA A 307 -16.61 -14.95 -9.78
N ASN A 308 -17.44 -13.96 -10.08
CA ASN A 308 -18.72 -14.21 -10.72
C ASN A 308 -18.96 -13.21 -11.82
N ILE A 309 -19.64 -13.66 -12.87
CA ILE A 309 -20.11 -12.75 -13.91
C ILE A 309 -21.31 -12.00 -13.33
N ILE A 310 -21.37 -10.68 -13.51
CA ILE A 310 -22.54 -9.88 -13.13
C ILE A 310 -23.10 -9.25 -14.44
N MET A 311 -24.34 -9.60 -14.81
CA MET A 311 -25.05 -9.11 -16.01
C MET A 311 -26.16 -8.22 -15.53
N PRO A 312 -26.29 -7.01 -16.10
CA PRO A 312 -27.34 -6.10 -15.61
C PRO A 312 -28.71 -6.34 -16.26
N LYS A 325 -23.26 -3.79 -21.11
CA LYS A 325 -21.98 -3.87 -20.39
C LYS A 325 -22.10 -4.84 -19.22
N SER A 326 -21.18 -5.81 -19.12
CA SER A 326 -21.12 -6.81 -18.05
C SER A 326 -19.88 -6.60 -17.15
N TYR A 327 -19.85 -7.28 -16.01
CA TYR A 327 -18.76 -7.15 -15.06
C TYR A 327 -18.35 -8.52 -14.53
N ILE A 328 -17.16 -8.57 -13.98
CA ILE A 328 -16.70 -9.71 -13.22
C ILE A 328 -16.45 -9.15 -11.84
N ALA A 329 -17.14 -9.67 -10.85
CA ALA A 329 -16.92 -9.25 -9.47
C ALA A 329 -16.02 -10.32 -8.82
N THR A 330 -14.87 -9.90 -8.33
CA THR A 330 -13.91 -10.84 -7.74
C THR A 330 -13.23 -10.28 -6.51
N GLN A 331 -12.52 -11.15 -5.79
CA GLN A 331 -11.80 -10.77 -4.59
C GLN A 331 -10.41 -10.22 -4.98
N GLY A 332 -9.72 -9.61 -4.03
CA GLY A 332 -8.34 -9.24 -4.24
C GLY A 332 -7.49 -10.51 -4.34
N CYS A 333 -6.51 -10.52 -5.24
CA CYS A 333 -5.64 -11.68 -5.43
C CYS A 333 -4.97 -12.16 -4.18
N LEU A 334 -4.78 -13.46 -4.08
CA LEU A 334 -3.89 -14.06 -3.09
C LEU A 334 -2.61 -14.37 -3.91
N GLN A 335 -1.45 -14.62 -3.23
CA GLN A 335 -0.23 -14.95 -3.98
C GLN A 335 -0.41 -16.20 -4.86
N ASN A 336 -1.21 -17.17 -4.40
CA ASN A 336 -1.47 -18.40 -5.17
C ASN A 336 -2.62 -18.30 -6.19
N THR A 337 -3.26 -17.13 -6.33
CA THR A 337 -4.30 -16.94 -7.34
C THR A 337 -3.94 -15.87 -8.39
N VAL A 338 -2.73 -15.28 -8.32
CA VAL A 338 -2.36 -14.23 -9.30
C VAL A 338 -2.39 -14.78 -10.73
N ASN A 339 -1.84 -15.99 -10.92
CA ASN A 339 -1.83 -16.59 -12.27
C ASN A 339 -3.26 -16.89 -12.75
N ASP A 340 -4.13 -17.38 -11.85
CA ASP A 340 -5.53 -17.65 -12.20
C ASP A 340 -6.25 -16.36 -12.59
N PHE A 341 -5.95 -15.26 -11.88
CA PHE A 341 -6.51 -13.95 -12.19
C PHE A 341 -6.19 -13.54 -13.64
N TRP A 342 -4.92 -13.66 -14.05
CA TRP A 342 -4.54 -13.26 -15.41
C TRP A 342 -5.13 -14.20 -16.45
N ARG A 343 -5.26 -15.50 -16.13
CA ARG A 343 -5.95 -16.44 -17.01
C ARG A 343 -7.43 -15.98 -17.21
N MET A 344 -8.09 -15.55 -16.13
CA MET A 344 -9.46 -15.04 -16.22
C MET A 344 -9.55 -13.79 -17.10
N VAL A 345 -8.72 -12.76 -16.84
CA VAL A 345 -8.71 -11.53 -17.63
C VAL A 345 -8.50 -11.86 -19.13
N PHE A 346 -7.52 -12.72 -19.42
CA PHE A 346 -7.24 -13.11 -20.81
C PHE A 346 -8.45 -13.82 -21.46
N GLN A 347 -8.96 -14.87 -20.82
CA GLN A 347 -10.05 -15.68 -21.35
C GLN A 347 -11.31 -14.86 -21.59
N GLU A 348 -11.65 -13.99 -20.64
CA GLU A 348 -12.87 -13.20 -20.75
C GLU A 348 -12.75 -11.97 -21.64
N ASN A 349 -11.54 -11.71 -22.17
CA ASN A 349 -11.29 -10.58 -23.04
C ASN A 349 -11.51 -9.23 -22.32
N SER A 350 -11.36 -9.21 -20.99
CA SER A 350 -11.51 -8.01 -20.19
C SER A 350 -10.35 -7.03 -20.50
N ARG A 351 -10.70 -5.77 -20.73
CA ARG A 351 -9.74 -4.72 -21.05
C ARG A 351 -9.66 -3.61 -20.00
N VAL A 352 -10.50 -3.68 -18.96
CA VAL A 352 -10.53 -2.66 -17.92
C VAL A 352 -10.67 -3.38 -16.59
N ILE A 353 -9.84 -2.99 -15.62
CA ILE A 353 -9.91 -3.53 -14.26
C ILE A 353 -10.14 -2.34 -13.34
N VAL A 354 -11.03 -2.50 -12.35
CA VAL A 354 -11.33 -1.50 -11.34
C VAL A 354 -10.94 -2.13 -10.01
N MET A 355 -9.95 -1.55 -9.36
CA MET A 355 -9.48 -2.01 -8.07
C MET A 355 -9.97 -0.97 -7.06
N THR A 356 -10.76 -1.40 -6.05
CA THR A 356 -11.36 -0.43 -5.12
C THR A 356 -10.79 -0.46 -3.70
N THR A 357 -9.56 -0.92 -3.57
CA THR A 357 -8.88 -0.95 -2.28
C THR A 357 -7.40 -0.60 -2.50
N LYS A 358 -6.75 -0.09 -1.44
CA LYS A 358 -5.30 0.05 -1.49
C LYS A 358 -4.76 -1.40 -1.33
N GLU A 359 -3.48 -1.66 -1.65
CA GLU A 359 -2.95 -3.02 -1.46
C GLU A 359 -2.98 -3.42 0.03
N VAL A 360 -2.70 -2.43 0.90
CA VAL A 360 -2.69 -2.59 2.35
C VAL A 360 -3.58 -1.50 2.97
N GLU A 361 -4.46 -1.92 3.87
CA GLU A 361 -5.29 -1.00 4.67
C GLU A 361 -5.25 -1.48 6.11
N ARG A 362 -5.06 -0.56 7.06
CA ARG A 362 -5.00 -0.87 8.49
C ARG A 362 -3.94 -1.91 8.81
N GLY A 363 -2.83 -1.88 8.08
CA GLY A 363 -1.73 -2.80 8.23
C GLY A 363 -2.00 -4.20 7.76
N LYS A 364 -3.09 -4.42 6.99
CA LYS A 364 -3.43 -5.77 6.52
C LYS A 364 -3.49 -5.82 4.99
N SER A 365 -2.99 -6.89 4.40
CA SER A 365 -3.02 -7.07 2.95
C SER A 365 -4.45 -7.29 2.45
N LYS A 366 -4.96 -6.35 1.62
CA LYS A 366 -6.30 -6.46 1.03
C LYS A 366 -6.25 -7.05 -0.41
N CYS A 367 -5.08 -6.92 -1.06
CA CYS A 367 -4.89 -7.45 -2.41
C CYS A 367 -3.44 -7.44 -2.66
N VAL A 368 -2.89 -8.59 -3.05
CA VAL A 368 -1.47 -8.61 -3.41
C VAL A 368 -1.29 -7.85 -4.73
N LYS A 369 -0.09 -7.32 -4.93
CA LYS A 369 0.23 -6.59 -6.14
C LYS A 369 0.34 -7.63 -7.25
N TYR A 370 -0.66 -7.69 -8.13
CA TYR A 370 -0.65 -8.68 -9.21
C TYR A 370 -0.12 -8.13 -10.54
N TRP A 371 0.41 -6.90 -10.55
CA TRP A 371 0.89 -6.21 -11.76
C TRP A 371 2.37 -5.84 -11.60
N PRO A 372 3.10 -5.71 -12.70
CA PRO A 372 4.51 -5.32 -12.60
C PRO A 372 4.68 -3.86 -12.22
N ASP A 373 5.89 -3.52 -11.72
CA ASP A 373 6.31 -2.14 -11.47
C ASP A 373 6.28 -1.37 -12.83
N GLU A 374 6.16 -0.03 -12.82
CA GLU A 374 6.14 0.75 -14.05
C GLU A 374 7.38 0.46 -14.93
N TYR A 375 7.14 0.20 -16.21
CA TYR A 375 8.15 -0.14 -17.23
C TYR A 375 8.64 -1.60 -17.18
N ALA A 376 8.22 -2.37 -16.19
CA ALA A 376 8.67 -3.74 -16.04
C ALA A 376 7.79 -4.78 -16.79
N LEU A 377 8.38 -5.94 -17.06
CA LEU A 377 7.70 -7.04 -17.71
C LEU A 377 7.78 -8.24 -16.79
N LYS A 378 6.66 -8.91 -16.55
CA LYS A 378 6.66 -10.13 -15.73
C LYS A 378 5.84 -11.21 -16.37
N GLU A 379 6.20 -12.48 -16.06
CA GLU A 379 5.43 -13.61 -16.50
C GLU A 379 4.73 -14.17 -15.27
N TYR A 380 3.43 -14.43 -15.38
CA TYR A 380 2.58 -14.97 -14.33
C TYR A 380 2.03 -16.25 -14.91
N GLY A 381 2.81 -17.34 -14.79
CA GLY A 381 2.42 -18.60 -15.42
C GLY A 381 2.53 -18.45 -16.93
N VAL A 382 1.49 -18.82 -17.67
CA VAL A 382 1.47 -18.70 -19.15
C VAL A 382 1.15 -17.29 -19.64
N MET A 383 0.89 -16.32 -18.75
CA MET A 383 0.55 -14.95 -19.14
C MET A 383 1.70 -13.98 -18.91
N ARG A 384 1.88 -13.04 -19.81
CA ARG A 384 2.95 -12.08 -19.75
C ARG A 384 2.30 -10.69 -19.65
N VAL A 385 2.75 -9.89 -18.69
CA VAL A 385 2.25 -8.55 -18.47
C VAL A 385 3.36 -7.51 -18.50
N ARG A 386 3.17 -6.43 -19.25
CA ARG A 386 4.08 -5.30 -19.23
C ARG A 386 3.33 -4.10 -18.65
N ASN A 387 3.91 -3.39 -17.67
CA ASN A 387 3.31 -2.15 -17.17
C ASN A 387 3.91 -1.05 -18.06
N VAL A 388 3.13 -0.59 -19.04
CA VAL A 388 3.61 0.40 -20.00
C VAL A 388 3.78 1.76 -19.39
N LYS A 389 2.83 2.18 -18.56
CA LYS A 389 2.86 3.54 -18.01
C LYS A 389 1.84 3.67 -16.88
N GLU A 390 2.17 4.44 -15.84
CA GLU A 390 1.24 4.75 -14.76
C GLU A 390 0.97 6.25 -14.76
N SER A 391 -0.28 6.64 -14.53
CA SER A 391 -0.67 8.04 -14.47
C SER A 391 -1.39 8.28 -13.16
N ALA A 392 -0.98 9.28 -12.38
CA ALA A 392 -1.64 9.58 -11.11
C ALA A 392 -2.69 10.67 -11.30
N ALA A 393 -3.85 10.50 -10.67
CA ALA A 393 -4.95 11.46 -10.62
C ALA A 393 -5.29 11.68 -9.10
N HIS A 394 -6.19 12.63 -8.77
CA HIS A 394 -6.51 12.90 -7.36
C HIS A 394 -6.94 11.66 -6.54
N ASP A 395 -7.95 10.92 -7.00
CA ASP A 395 -8.48 9.79 -6.26
C ASP A 395 -8.01 8.41 -6.74
N TYR A 396 -7.29 8.36 -7.87
CA TYR A 396 -6.90 7.06 -8.44
C TYR A 396 -5.60 7.12 -9.25
N THR A 397 -5.04 5.96 -9.54
CA THR A 397 -3.88 5.80 -10.40
C THR A 397 -4.33 4.90 -11.57
N LEU A 398 -3.97 5.25 -12.79
CA LEU A 398 -4.27 4.44 -13.96
C LEU A 398 -2.98 3.71 -14.32
N ARG A 399 -3.05 2.40 -14.59
CA ARG A 399 -1.90 1.63 -15.03
C ARG A 399 -2.23 1.03 -16.38
N GLU A 400 -1.47 1.41 -17.40
CA GLU A 400 -1.67 0.90 -18.75
C GLU A 400 -0.88 -0.37 -18.87
N LEU A 401 -1.54 -1.53 -18.92
CA LEU A 401 -0.86 -2.82 -18.97
C LEU A 401 -1.02 -3.54 -20.32
N LYS A 402 0.00 -4.27 -20.77
CA LYS A 402 -0.09 -5.06 -21.99
C LYS A 402 -0.12 -6.50 -21.54
N LEU A 403 -1.17 -7.24 -21.87
CA LEU A 403 -1.30 -8.64 -21.51
C LEU A 403 -1.25 -9.52 -22.76
N SER A 404 -0.48 -10.60 -22.70
CA SER A 404 -0.39 -11.55 -23.80
C SER A 404 -0.09 -12.96 -23.25
N LYS A 405 -0.29 -13.97 -24.07
CA LYS A 405 0.01 -15.33 -23.70
C LYS A 405 1.45 -15.60 -24.16
N VAL A 406 2.26 -16.18 -23.29
CA VAL A 406 3.63 -16.55 -23.57
C VAL A 406 3.66 -17.48 -24.82
N GLY A 407 4.58 -17.22 -25.74
CA GLY A 407 4.68 -18.00 -26.98
C GLY A 407 3.73 -17.56 -28.09
N GLN A 408 2.87 -16.55 -27.83
CA GLN A 408 1.90 -16.11 -28.85
C GLN A 408 1.76 -14.59 -28.89
N GLY A 409 2.75 -13.93 -29.49
CA GLY A 409 2.81 -12.48 -29.59
C GLY A 409 1.53 -11.81 -30.08
N ASN A 410 0.87 -12.41 -31.10
CA ASN A 410 -0.36 -11.88 -31.70
C ASN A 410 -1.56 -11.82 -30.73
N THR A 411 -1.41 -12.29 -29.49
CA THR A 411 -2.51 -12.26 -28.51
C THR A 411 -2.49 -11.04 -27.58
N GLU A 412 -1.56 -10.11 -27.81
CA GLU A 412 -1.41 -8.95 -26.99
C GLU A 412 -2.63 -8.04 -27.01
N ARG A 413 -3.02 -7.55 -25.82
CA ARG A 413 -4.09 -6.56 -25.70
C ARG A 413 -3.78 -5.67 -24.51
N THR A 414 -4.20 -4.41 -24.59
CA THR A 414 -4.02 -3.47 -23.50
C THR A 414 -5.14 -3.67 -22.48
N VAL A 415 -4.76 -3.73 -21.21
CA VAL A 415 -5.68 -3.82 -20.10
C VAL A 415 -5.43 -2.56 -19.27
N TRP A 416 -6.45 -1.74 -19.05
CA TRP A 416 -6.33 -0.47 -18.32
C TRP A 416 -6.78 -0.71 -16.90
N GLN A 417 -5.89 -0.54 -15.96
CA GLN A 417 -6.20 -0.77 -14.57
C GLN A 417 -6.45 0.55 -13.85
N TYR A 418 -7.67 0.72 -13.36
CA TYR A 418 -8.08 1.94 -12.65
C TYR A 418 -8.05 1.59 -11.18
N HIS A 419 -7.08 2.15 -10.45
CA HIS A 419 -6.90 1.84 -9.04
C HIS A 419 -7.41 2.98 -8.16
N PHE A 420 -8.64 2.87 -7.62
CA PHE A 420 -9.19 3.90 -6.73
C PHE A 420 -8.44 3.77 -5.40
N ARG A 421 -7.81 4.87 -4.95
CA ARG A 421 -6.93 4.90 -3.77
CA ARG A 421 -6.99 4.78 -3.75
C ARG A 421 -7.46 5.60 -2.53
N THR A 422 -8.52 6.42 -2.65
CA THR A 422 -8.95 7.24 -1.52
C THR A 422 -10.19 6.80 -0.77
N TRP A 423 -10.74 5.60 -1.04
CA TRP A 423 -11.91 5.13 -0.29
C TRP A 423 -11.52 4.99 1.20
N PRO A 424 -12.34 5.52 2.13
CA PRO A 424 -11.95 5.48 3.56
C PRO A 424 -11.76 4.05 4.09
N ASP A 425 -10.93 3.86 5.15
CA ASP A 425 -10.71 2.52 5.71
C ASP A 425 -11.99 1.89 6.23
N HIS A 426 -12.91 2.72 6.76
CA HIS A 426 -14.23 2.28 7.24
C HIS A 426 -15.30 3.22 6.66
N GLY A 427 -16.50 2.69 6.49
CA GLY A 427 -17.60 3.47 5.93
C GLY A 427 -17.44 3.80 4.46
N VAL A 428 -18.06 4.90 4.03
CA VAL A 428 -18.05 5.30 2.62
C VAL A 428 -17.56 6.75 2.49
N PRO A 429 -17.22 7.20 1.26
CA PRO A 429 -16.81 8.59 1.09
C PRO A 429 -17.93 9.55 1.48
N SER A 430 -17.58 10.70 2.07
CA SER A 430 -18.57 11.71 2.45
C SER A 430 -19.15 12.40 1.21
N ASP A 431 -18.48 12.34 0.05
CA ASP A 431 -19.00 12.94 -1.18
C ASP A 431 -18.83 11.95 -2.32
N PRO A 432 -19.85 11.77 -3.17
CA PRO A 432 -19.73 10.79 -4.27
C PRO A 432 -19.05 11.28 -5.54
N GLY A 433 -18.73 12.57 -5.61
CA GLY A 433 -18.12 13.19 -6.79
C GLY A 433 -16.89 12.47 -7.31
N GLY A 434 -15.97 12.13 -6.41
CA GLY A 434 -14.75 11.41 -6.75
C GLY A 434 -15.01 10.04 -7.38
N VAL A 435 -15.92 9.25 -6.78
CA VAL A 435 -16.32 7.93 -7.28
C VAL A 435 -16.99 8.09 -8.66
N LEU A 436 -17.85 9.14 -8.81
CA LEU A 436 -18.57 9.37 -10.06
C LEU A 436 -17.63 9.76 -11.19
N ASP A 437 -16.67 10.64 -10.93
CA ASP A 437 -15.74 11.09 -11.96
C ASP A 437 -14.84 9.91 -12.43
N PHE A 438 -14.48 9.01 -11.48
CA PHE A 438 -13.71 7.79 -11.74
C PHE A 438 -14.53 6.84 -12.60
N LEU A 439 -15.79 6.54 -12.22
CA LEU A 439 -16.66 5.65 -12.97
C LEU A 439 -16.93 6.22 -14.38
N GLU A 440 -17.02 7.56 -14.52
CA GLU A 440 -17.24 8.18 -15.83
C GLU A 440 -16.03 7.87 -16.73
N GLU A 441 -14.80 8.02 -16.19
CA GLU A 441 -13.59 7.73 -16.95
C GLU A 441 -13.50 6.25 -17.34
N VAL A 442 -13.77 5.34 -16.38
CA VAL A 442 -13.79 3.89 -16.62
C VAL A 442 -14.80 3.55 -17.72
N HIS A 443 -16.00 4.15 -17.65
CA HIS A 443 -17.03 3.93 -18.66
C HIS A 443 -16.55 4.34 -20.07
N HIS A 444 -16.02 5.55 -20.23
CA HIS A 444 -15.55 6.01 -21.54
C HIS A 444 -14.42 5.14 -22.07
N LYS A 445 -13.52 4.68 -21.19
CA LYS A 445 -12.44 3.77 -21.62
C LYS A 445 -13.03 2.47 -22.17
N GLN A 446 -13.96 1.85 -21.43
CA GLN A 446 -14.59 0.60 -21.84
C GLN A 446 -15.35 0.79 -23.19
N GLU A 447 -16.11 1.86 -23.29
CA GLU A 447 -16.90 2.17 -24.49
C GLU A 447 -16.05 2.42 -25.74
N SER A 448 -14.82 2.93 -25.56
CA SER A 448 -13.91 3.19 -26.68
C SER A 448 -13.27 1.91 -27.24
N ILE A 449 -13.41 0.76 -26.55
CA ILE A 449 -12.74 -0.46 -26.97
C ILE A 449 -13.69 -1.47 -27.59
N MET A 450 -13.53 -1.70 -28.90
CA MET A 450 -14.37 -2.61 -29.67
C MET A 450 -14.35 -4.01 -29.11
N ASP A 451 -15.54 -4.56 -28.83
CA ASP A 451 -15.76 -5.92 -28.30
C ASP A 451 -14.98 -6.24 -27.02
N ALA A 452 -14.76 -5.23 -26.15
CA ALA A 452 -14.13 -5.47 -24.86
C ALA A 452 -15.05 -6.41 -24.01
N GLY A 453 -14.45 -7.29 -23.26
CA GLY A 453 -15.18 -8.19 -22.38
C GLY A 453 -15.65 -7.48 -21.11
N PRO A 454 -16.10 -8.23 -20.12
CA PRO A 454 -16.62 -7.59 -18.89
C PRO A 454 -15.57 -6.77 -18.17
N VAL A 455 -15.97 -5.71 -17.47
CA VAL A 455 -15.07 -4.90 -16.66
C VAL A 455 -14.82 -5.69 -15.35
N VAL A 456 -13.55 -5.92 -14.99
CA VAL A 456 -13.27 -6.64 -13.76
C VAL A 456 -13.29 -5.66 -12.61
N VAL A 457 -14.04 -5.96 -11.56
CA VAL A 457 -14.13 -5.09 -10.40
C VAL A 457 -13.76 -5.91 -9.16
N HIS A 458 -12.84 -5.40 -8.36
CA HIS A 458 -12.44 -6.12 -7.16
C HIS A 458 -12.03 -5.21 -6.03
N CYS A 459 -12.25 -5.66 -4.82
CA CYS A 459 -11.81 -4.97 -3.60
C CYS A 459 -11.06 -6.06 -2.81
N SER A 460 -11.42 -6.39 -1.58
CA SER A 460 -10.80 -7.40 -0.72
C SER A 460 -11.60 -8.73 -0.86
N ALA A 461 -12.82 -8.83 -0.27
CA ALA A 461 -13.66 -10.03 -0.45
C ALA A 461 -14.43 -10.00 -1.80
N GLY A 462 -14.49 -8.83 -2.45
CA GLY A 462 -15.17 -8.66 -3.72
C GLY A 462 -16.68 -8.58 -3.65
N ILE A 463 -17.23 -8.06 -2.53
CA ILE A 463 -18.70 -7.99 -2.39
C ILE A 463 -19.23 -6.62 -1.91
N GLY A 464 -18.51 -5.95 -1.03
CA GLY A 464 -18.97 -4.70 -0.44
C GLY A 464 -18.75 -3.48 -1.30
N ARG A 465 -17.48 -3.01 -1.33
CA ARG A 465 -17.12 -1.89 -2.22
C ARG A 465 -17.31 -2.31 -3.67
N THR A 466 -16.99 -3.58 -4.01
CA THR A 466 -17.19 -4.08 -5.39
C THR A 466 -18.68 -3.97 -5.83
N GLY A 467 -19.59 -4.48 -5.01
CA GLY A 467 -21.02 -4.40 -5.29
C GLY A 467 -21.49 -2.96 -5.39
N THR A 468 -20.96 -2.09 -4.53
CA THR A 468 -21.31 -0.68 -4.50
C THR A 468 -20.94 0.03 -5.81
N PHE A 469 -19.70 -0.14 -6.28
CA PHE A 469 -19.24 0.44 -7.54
C PHE A 469 -20.07 -0.06 -8.73
N ILE A 470 -20.28 -1.38 -8.80
CA ILE A 470 -21.05 -2.02 -9.87
C ILE A 470 -22.49 -1.51 -9.90
N VAL A 471 -23.17 -1.49 -8.74
CA VAL A 471 -24.55 -1.00 -8.70
C VAL A 471 -24.67 0.47 -9.11
N ILE A 472 -23.77 1.36 -8.65
CA ILE A 472 -23.78 2.77 -9.09
C ILE A 472 -23.57 2.80 -10.62
N ASP A 473 -22.62 1.98 -11.12
CA ASP A 473 -22.33 1.93 -12.56
C ASP A 473 -23.54 1.53 -13.38
N ILE A 474 -24.28 0.49 -12.92
CA ILE A 474 -25.48 0.02 -13.60
C ILE A 474 -26.56 1.11 -13.64
N LEU A 475 -26.79 1.77 -12.49
CA LEU A 475 -27.80 2.82 -12.39
C LEU A 475 -27.46 4.06 -13.22
N ILE A 476 -26.20 4.54 -13.16
CA ILE A 476 -25.82 5.70 -13.93
C ILE A 476 -25.80 5.36 -15.44
N ASP A 477 -25.58 4.09 -15.83
CA ASP A 477 -25.64 3.71 -17.25
C ASP A 477 -27.05 3.87 -17.82
N ILE A 478 -28.08 3.53 -17.04
CA ILE A 478 -29.47 3.70 -17.46
C ILE A 478 -29.76 5.20 -17.71
N ILE A 479 -29.30 6.06 -16.80
CA ILE A 479 -29.50 7.51 -16.90
C ILE A 479 -28.67 8.18 -18.03
N ARG A 480 -27.42 7.75 -18.25
CA ARG A 480 -26.60 8.34 -19.34
C ARG A 480 -27.24 8.11 -20.70
N GLU A 481 -27.81 6.91 -20.90
CA GLU A 481 -28.45 6.52 -22.14
C GLU A 481 -29.90 7.06 -22.28
N LYS A 482 -30.81 6.66 -21.37
CA LYS A 482 -32.23 7.05 -21.39
C LYS A 482 -32.55 8.45 -20.88
N GLY A 483 -31.56 9.14 -20.35
CA GLY A 483 -31.76 10.48 -19.80
C GLY A 483 -32.46 10.47 -18.46
N VAL A 484 -32.85 11.64 -17.98
CA VAL A 484 -33.52 11.79 -16.70
C VAL A 484 -34.96 11.20 -16.70
N ASP A 485 -35.53 10.91 -17.88
CA ASP A 485 -36.85 10.30 -17.99
C ASP A 485 -36.72 8.80 -18.11
N CYS A 486 -36.21 8.18 -17.06
CA CYS A 486 -36.07 6.74 -16.96
C CYS A 486 -36.49 6.32 -15.56
N ASP A 487 -36.95 5.08 -15.41
CA ASP A 487 -37.29 4.56 -14.09
C ASP A 487 -36.05 3.87 -13.55
N ILE A 488 -35.76 4.10 -12.28
CA ILE A 488 -34.70 3.37 -11.59
C ILE A 488 -35.30 2.79 -10.29
N ASP A 489 -34.81 1.63 -9.89
CA ASP A 489 -35.28 0.95 -8.70
C ASP A 489 -34.04 0.41 -8.00
N VAL A 490 -33.53 1.17 -7.02
CA VAL A 490 -32.30 0.80 -6.33
C VAL A 490 -32.37 -0.62 -5.70
N PRO A 491 -33.35 -0.96 -4.81
CA PRO A 491 -33.37 -2.34 -4.26
C PRO A 491 -33.55 -3.44 -5.30
N LYS A 492 -34.29 -3.17 -6.39
CA LYS A 492 -34.46 -4.17 -7.44
C LYS A 492 -33.12 -4.48 -8.11
N THR A 493 -32.34 -3.44 -8.37
CA THR A 493 -31.04 -3.57 -9.04
C THR A 493 -30.09 -4.33 -8.11
N ILE A 494 -30.06 -3.97 -6.82
CA ILE A 494 -29.20 -4.67 -5.85
C ILE A 494 -29.61 -6.14 -5.72
N GLN A 495 -30.92 -6.45 -5.60
CA GLN A 495 -31.37 -7.85 -5.52
C GLN A 495 -30.93 -8.66 -6.76
N MET A 496 -30.98 -8.01 -7.92
CA MET A 496 -30.58 -8.66 -9.18
C MET A 496 -29.07 -8.99 -9.16
N VAL A 497 -28.26 -8.07 -8.66
CA VAL A 497 -26.81 -8.25 -8.58
C VAL A 497 -26.45 -9.31 -7.52
N ARG A 498 -27.18 -9.33 -6.39
CA ARG A 498 -27.04 -10.31 -5.29
C ARG A 498 -27.44 -11.74 -5.70
N SER A 499 -28.22 -11.90 -6.77
CA SER A 499 -28.54 -13.25 -7.25
CA SER A 499 -28.56 -13.22 -7.30
C SER A 499 -27.37 -13.82 -8.09
N GLN A 500 -26.34 -13.01 -8.39
CA GLN A 500 -25.19 -13.45 -9.19
C GLN A 500 -23.89 -13.54 -8.38
N ARG A 501 -23.83 -12.88 -7.21
CA ARG A 501 -22.74 -13.02 -6.24
C ARG A 501 -23.29 -12.66 -4.88
N SER A 502 -22.93 -13.45 -3.85
CA SER A 502 -23.37 -13.27 -2.48
C SER A 502 -23.07 -11.94 -1.87
N GLY A 503 -24.06 -11.33 -1.24
CA GLY A 503 -23.88 -10.12 -0.46
C GLY A 503 -23.34 -8.90 -1.18
N MET A 504 -23.59 -8.77 -2.49
CA MET A 504 -23.19 -7.58 -3.25
C MET A 504 -23.90 -6.37 -2.64
N VAL A 505 -23.13 -5.38 -2.12
CA VAL A 505 -23.60 -4.23 -1.33
C VAL A 505 -23.82 -4.74 0.10
N GLN A 506 -22.91 -4.41 0.99
CA GLN A 506 -22.88 -4.93 2.33
C GLN A 506 -23.63 -4.14 3.40
N THR A 507 -23.59 -2.82 3.34
CA THR A 507 -24.09 -2.00 4.44
C THR A 507 -25.12 -0.96 4.07
N GLU A 508 -25.86 -0.48 5.09
CA GLU A 508 -26.81 0.60 4.92
C GLU A 508 -26.04 1.88 4.54
N ALA A 509 -24.80 2.07 5.02
CA ALA A 509 -23.98 3.21 4.64
C ALA A 509 -23.69 3.19 3.12
N GLN A 510 -23.40 2.00 2.53
CA GLN A 510 -23.20 1.88 1.08
C GLN A 510 -24.53 2.04 0.33
N TYR A 511 -25.62 1.48 0.86
CA TYR A 511 -26.97 1.63 0.28
C TYR A 511 -27.32 3.12 0.11
N ARG A 512 -27.05 3.91 1.17
CA ARG A 512 -27.31 5.35 1.14
C ARG A 512 -26.37 6.04 0.16
N PHE A 513 -25.09 5.62 0.12
CA PHE A 513 -24.10 6.19 -0.80
C PHE A 513 -24.51 5.99 -2.25
N ILE A 514 -25.14 4.84 -2.56
CA ILE A 514 -25.63 4.58 -3.90
C ILE A 514 -26.71 5.60 -4.28
N TYR A 515 -27.67 5.88 -3.36
CA TYR A 515 -28.70 6.89 -3.65
C TYR A 515 -28.07 8.27 -3.84
N MET A 516 -27.11 8.62 -2.97
CA MET A 516 -26.39 9.89 -3.04
C MET A 516 -25.63 10.09 -4.33
N ALA A 517 -25.00 9.01 -4.82
CA ALA A 517 -24.23 9.02 -6.08
C ALA A 517 -25.16 9.22 -7.28
N VAL A 518 -26.32 8.56 -7.27
CA VAL A 518 -27.28 8.71 -8.37
C VAL A 518 -27.87 10.14 -8.40
N GLN A 519 -28.17 10.69 -7.20
CA GLN A 519 -28.70 12.05 -7.03
C GLN A 519 -27.67 13.07 -7.57
N HIS A 520 -26.39 12.91 -7.18
CA HIS A 520 -25.31 13.78 -7.62
C HIS A 520 -25.13 13.70 -9.12
N TYR A 521 -25.14 12.49 -9.69
CA TYR A 521 -25.00 12.33 -11.14
C TYR A 521 -26.12 13.10 -11.90
N ILE A 522 -27.39 12.92 -11.48
CA ILE A 522 -28.54 13.60 -12.06
C ILE A 522 -28.44 15.15 -11.91
N GLU A 523 -27.91 15.65 -10.78
CA GLU A 523 -27.79 17.08 -10.54
C GLU A 523 -26.71 17.77 -11.39
N THR A 524 -25.76 17.00 -11.94
CA THR A 524 -24.73 17.58 -12.80
C THR A 524 -25.01 17.29 -14.30
N LEU A 525 -26.24 16.87 -14.64
CA LEU A 525 -26.69 16.58 -16.01
C LEU A 525 -27.11 17.89 -16.72
N ARG B 4 40.42 10.86 -5.32
CA ARG B 4 39.49 9.98 -6.04
C ARG B 4 39.48 10.23 -7.55
N ARG B 5 40.61 10.77 -8.10
CA ARG B 5 40.75 11.07 -9.53
C ARG B 5 40.72 9.80 -10.43
N TRP B 6 40.91 8.62 -9.84
CA TRP B 6 40.87 7.36 -10.60
C TRP B 6 39.43 6.98 -11.06
N PHE B 7 38.39 7.66 -10.53
CA PHE B 7 37.02 7.36 -10.96
C PHE B 7 36.61 8.24 -12.14
N HIS B 8 36.26 7.61 -13.25
CA HIS B 8 35.88 8.34 -14.45
C HIS B 8 34.39 8.14 -14.66
N PRO B 9 33.58 9.16 -14.41
CA PRO B 9 32.12 8.98 -14.48
C PRO B 9 31.49 8.78 -15.85
N ASN B 10 32.08 9.37 -16.89
CA ASN B 10 31.46 9.38 -18.21
C ASN B 10 32.16 8.56 -19.27
N ILE B 11 33.05 7.66 -18.90
CA ILE B 11 33.85 6.91 -19.87
C ILE B 11 33.29 5.51 -20.20
N THR B 12 33.51 5.06 -21.46
CA THR B 12 33.10 3.71 -21.89
C THR B 12 34.29 2.74 -21.67
N GLY B 13 34.06 1.44 -21.77
CA GLY B 13 35.10 0.44 -21.61
C GLY B 13 36.14 0.54 -22.70
N VAL B 14 35.71 0.84 -23.93
CA VAL B 14 36.64 1.02 -25.04
C VAL B 14 37.49 2.28 -24.79
N GLU B 15 36.88 3.39 -24.32
CA GLU B 15 37.63 4.60 -24.01
C GLU B 15 38.61 4.36 -22.87
N ALA B 16 38.19 3.60 -21.83
CA ALA B 16 39.05 3.26 -20.70
C ALA B 16 40.25 2.44 -21.17
N GLU B 17 40.01 1.45 -22.06
CA GLU B 17 41.06 0.62 -22.63
C GLU B 17 42.11 1.48 -23.35
N ASN B 18 41.68 2.39 -24.24
CA ASN B 18 42.62 3.22 -25.00
CA ASN B 18 42.61 3.23 -24.98
C ASN B 18 43.32 4.25 -24.09
N LEU B 19 42.65 4.71 -23.03
CA LEU B 19 43.27 5.65 -22.11
C LEU B 19 44.42 4.97 -21.36
N LEU B 20 44.19 3.71 -20.93
CA LEU B 20 45.20 2.95 -20.20
C LEU B 20 46.37 2.53 -21.10
N LEU B 21 46.09 2.26 -22.38
CA LEU B 21 47.14 1.85 -23.31
C LEU B 21 48.02 3.02 -23.76
N THR B 22 47.43 4.19 -24.02
CA THR B 22 48.20 5.34 -24.49
C THR B 22 48.73 6.25 -23.38
N ARG B 23 47.96 6.45 -22.29
CA ARG B 23 48.39 7.33 -21.20
C ARG B 23 48.83 6.62 -19.91
N GLY B 24 48.68 5.31 -19.85
CA GLY B 24 49.07 4.56 -18.67
C GLY B 24 50.21 3.59 -18.92
N VAL B 25 50.65 2.94 -17.88
CA VAL B 25 51.70 1.93 -17.92
C VAL B 25 51.18 0.66 -17.19
N ASP B 26 51.97 -0.43 -17.11
CA ASP B 26 51.57 -1.63 -16.37
C ASP B 26 51.40 -1.25 -14.90
N GLY B 27 50.26 -1.60 -14.33
CA GLY B 27 49.91 -1.18 -12.98
C GLY B 27 48.94 -0.02 -12.97
N SER B 28 48.68 0.62 -14.15
CA SER B 28 47.71 1.70 -14.21
C SER B 28 46.29 1.16 -14.08
N PHE B 29 45.39 1.96 -13.49
CA PHE B 29 44.02 1.51 -13.27
C PHE B 29 43.05 2.68 -13.18
N LEU B 30 41.79 2.36 -13.38
CA LEU B 30 40.71 3.31 -13.18
C LEU B 30 39.42 2.56 -12.82
N ALA B 31 38.45 3.27 -12.27
CA ALA B 31 37.14 2.71 -11.98
C ALA B 31 36.11 3.55 -12.73
N ARG B 32 35.00 2.95 -13.13
CA ARG B 32 33.99 3.64 -13.91
C ARG B 32 32.63 2.95 -13.78
N PRO B 33 31.52 3.59 -14.18
CA PRO B 33 30.23 2.89 -14.17
C PRO B 33 30.22 1.80 -15.25
N SER B 34 29.44 0.76 -15.03
CA SER B 34 29.30 -0.32 -15.99
C SER B 34 28.29 0.15 -17.02
N LYS B 35 28.65 0.09 -18.29
CA LYS B 35 27.74 0.48 -19.36
C LYS B 35 26.76 -0.65 -19.68
N SER B 36 27.19 -1.90 -19.59
CA SER B 36 26.32 -3.04 -19.87
C SER B 36 25.32 -3.35 -18.74
N ASN B 37 25.67 -2.98 -17.50
CA ASN B 37 24.77 -3.19 -16.38
C ASN B 37 24.75 -1.96 -15.51
N PRO B 38 23.94 -0.95 -15.91
CA PRO B 38 23.84 0.29 -15.09
C PRO B 38 23.51 -0.04 -13.63
N GLY B 39 24.20 0.63 -12.71
CA GLY B 39 24.08 0.29 -11.30
C GLY B 39 25.35 -0.41 -10.84
N ASP B 40 26.03 -1.14 -11.74
CA ASP B 40 27.29 -1.76 -11.44
C ASP B 40 28.47 -0.86 -11.87
N PHE B 41 29.67 -1.28 -11.50
CA PHE B 41 30.90 -0.55 -11.77
C PHE B 41 31.93 -1.50 -12.34
N THR B 42 33.00 -0.95 -12.92
CA THR B 42 34.05 -1.76 -13.47
C THR B 42 35.39 -1.20 -13.09
N LEU B 43 36.29 -2.09 -12.68
CA LEU B 43 37.65 -1.76 -12.36
C LEU B 43 38.48 -2.14 -13.59
N SER B 44 38.99 -1.17 -14.33
CA SER B 44 39.81 -1.41 -15.55
C SER B 44 41.30 -1.25 -15.23
N VAL B 45 42.06 -2.34 -15.30
CA VAL B 45 43.46 -2.40 -14.91
C VAL B 45 44.33 -2.79 -16.09
N ARG B 46 45.49 -2.12 -16.26
CA ARG B 46 46.43 -2.49 -17.30
C ARG B 46 47.53 -3.38 -16.70
N ARG B 47 47.82 -4.49 -17.36
CA ARG B 47 48.88 -5.42 -17.00
C ARG B 47 49.37 -6.14 -18.27
N ASN B 48 50.70 -6.35 -18.37
CA ASN B 48 51.35 -6.96 -19.51
C ASN B 48 50.90 -6.37 -20.86
N GLY B 49 50.87 -5.04 -20.94
CA GLY B 49 50.47 -4.33 -22.15
C GLY B 49 49.03 -4.53 -22.60
N ALA B 50 48.19 -5.08 -21.72
CA ALA B 50 46.78 -5.34 -22.02
C ALA B 50 45.85 -4.84 -20.90
N VAL B 51 44.57 -4.63 -21.21
CA VAL B 51 43.61 -4.13 -20.22
C VAL B 51 42.57 -5.19 -19.86
N THR B 52 42.33 -5.38 -18.56
CA THR B 52 41.34 -6.31 -18.05
C THR B 52 40.26 -5.52 -17.30
N HIS B 53 39.01 -5.93 -17.45
CA HIS B 53 37.87 -5.28 -16.84
C HIS B 53 37.25 -6.20 -15.78
N ILE B 54 37.32 -5.79 -14.52
CA ILE B 54 36.84 -6.58 -13.39
C ILE B 54 35.54 -6.00 -12.89
N LYS B 55 34.49 -6.81 -12.85
CA LYS B 55 33.17 -6.34 -12.46
C LYS B 55 33.08 -6.08 -10.97
N ILE B 56 32.34 -5.03 -10.61
CA ILE B 56 32.04 -4.70 -9.23
C ILE B 56 30.53 -4.57 -9.19
N GLN B 57 29.84 -5.44 -8.46
CA GLN B 57 28.40 -5.35 -8.35
C GLN B 57 27.97 -4.65 -7.09
N ASN B 58 26.87 -3.93 -7.14
CA ASN B 58 26.28 -3.36 -5.95
C ASN B 58 24.78 -3.41 -6.11
N THR B 59 24.16 -4.38 -5.44
CA THR B 59 22.71 -4.48 -5.44
C THR B 59 22.05 -3.72 -4.29
N GLY B 60 22.84 -3.01 -3.48
CA GLY B 60 22.31 -2.21 -2.39
C GLY B 60 22.93 -2.47 -1.03
N ASP B 61 23.76 -3.53 -0.89
CA ASP B 61 24.34 -3.87 0.41
C ASP B 61 25.83 -3.59 0.56
N TYR B 62 26.60 -3.73 -0.53
CA TYR B 62 28.05 -3.55 -0.52
C TYR B 62 28.59 -3.62 -1.96
N TYR B 63 29.83 -3.18 -2.19
CA TYR B 63 30.47 -3.27 -3.49
C TYR B 63 31.18 -4.63 -3.52
N ASP B 64 30.79 -5.49 -4.43
CA ASP B 64 31.29 -6.85 -4.51
C ASP B 64 32.17 -6.99 -5.73
N LEU B 65 33.48 -7.00 -5.52
CA LEU B 65 34.48 -7.09 -6.56
C LEU B 65 34.63 -8.56 -6.95
N TYR B 66 34.36 -8.87 -8.25
CA TYR B 66 34.46 -10.24 -8.79
C TYR B 66 35.90 -10.76 -8.61
N GLY B 67 36.05 -11.93 -7.99
CA GLY B 67 37.37 -12.49 -7.70
C GLY B 67 38.12 -11.82 -6.55
N GLY B 68 37.48 -10.86 -5.89
CA GLY B 68 38.04 -10.14 -4.77
C GLY B 68 37.12 -10.14 -3.57
N GLU B 69 37.15 -9.05 -2.80
CA GLU B 69 36.35 -8.97 -1.59
C GLU B 69 35.22 -7.94 -1.66
N LYS B 70 34.41 -7.85 -0.58
CA LYS B 70 33.28 -6.93 -0.46
C LYS B 70 33.67 -5.68 0.33
N PHE B 71 33.30 -4.51 -0.19
CA PHE B 71 33.70 -3.23 0.38
C PHE B 71 32.55 -2.29 0.63
N ALA B 72 32.76 -1.34 1.57
CA ALA B 72 31.75 -0.34 1.91
C ALA B 72 31.71 0.78 0.88
N THR B 73 32.88 1.18 0.30
CA THR B 73 32.94 2.24 -0.72
C THR B 73 34.03 1.89 -1.78
N LEU B 74 33.95 2.51 -2.97
CA LEU B 74 34.97 2.28 -4.00
C LEU B 74 36.35 2.81 -3.51
N ALA B 75 36.35 3.94 -2.75
CA ALA B 75 37.58 4.49 -2.19
C ALA B 75 38.21 3.54 -1.17
N GLU B 76 37.41 2.86 -0.33
CA GLU B 76 37.97 1.88 0.62
C GLU B 76 38.52 0.67 -0.12
N LEU B 77 37.88 0.26 -1.25
CA LEU B 77 38.32 -0.86 -2.08
C LEU B 77 39.70 -0.53 -2.68
N VAL B 78 39.80 0.63 -3.35
CA VAL B 78 41.05 1.04 -3.98
C VAL B 78 42.15 1.22 -2.94
N GLN B 79 41.85 1.80 -1.78
CA GLN B 79 42.85 1.96 -0.73
C GLN B 79 43.34 0.61 -0.24
N TYR B 80 42.43 -0.36 -0.08
CA TYR B 80 42.78 -1.69 0.38
C TYR B 80 43.75 -2.39 -0.58
N TYR B 81 43.43 -2.42 -1.88
CA TYR B 81 44.32 -3.09 -2.84
C TYR B 81 45.62 -2.30 -3.11
N MET B 82 45.57 -0.97 -3.12
CA MET B 82 46.76 -0.14 -3.32
C MET B 82 47.80 -0.27 -2.19
N GLU B 83 47.36 -0.61 -0.97
CA GLU B 83 48.23 -0.69 0.22
C GLU B 83 48.86 -2.07 0.48
N GLN B 87 45.63 -8.81 -1.40
CA GLN B 87 46.13 -9.06 -2.75
C GLN B 87 44.97 -9.38 -3.68
N LEU B 88 44.85 -8.65 -4.81
CA LEU B 88 43.79 -8.86 -5.79
C LEU B 88 44.22 -9.89 -6.83
N LYS B 89 43.35 -10.87 -7.14
CA LYS B 89 43.69 -11.90 -8.13
C LYS B 89 42.65 -12.05 -9.23
N ILE B 96 47.11 -9.45 -9.60
CA ILE B 96 47.04 -8.20 -10.35
C ILE B 96 47.18 -6.97 -9.42
N GLU B 97 47.99 -6.00 -9.84
CA GLU B 97 48.34 -4.87 -8.99
C GLU B 97 47.72 -3.51 -9.37
N LEU B 98 47.22 -2.78 -8.36
CA LEU B 98 46.70 -1.44 -8.56
C LEU B 98 47.82 -0.53 -8.11
N LYS B 99 48.64 -0.07 -9.05
CA LYS B 99 49.80 0.74 -8.69
C LYS B 99 49.62 2.21 -8.97
N TYR B 100 49.11 2.55 -10.16
CA TYR B 100 49.02 3.93 -10.58
C TYR B 100 47.63 4.34 -10.97
N PRO B 101 47.00 5.26 -10.22
CA PRO B 101 45.68 5.75 -10.62
C PRO B 101 45.82 6.54 -11.91
N LEU B 102 44.92 6.28 -12.85
CA LEU B 102 44.92 7.04 -14.09
C LEU B 102 43.88 8.12 -13.84
N ASN B 103 44.33 9.38 -13.66
CA ASN B 103 43.46 10.48 -13.29
C ASN B 103 42.50 10.98 -14.39
N CYS B 104 41.28 11.27 -13.98
CA CYS B 104 40.20 11.78 -14.82
C CYS B 104 40.25 13.29 -14.82
N ALA B 105 40.07 13.93 -15.97
CA ALA B 105 40.07 15.41 -16.07
C ALA B 105 38.64 16.02 -16.16
N ASP B 106 37.62 15.16 -16.23
CA ASP B 106 36.22 15.56 -16.33
C ASP B 106 35.80 16.25 -15.01
N PRO B 107 35.30 17.49 -15.08
CA PRO B 107 34.88 18.18 -13.85
C PRO B 107 33.42 17.93 -13.45
N THR B 108 32.69 17.07 -14.18
CA THR B 108 31.25 16.86 -13.95
C THR B 108 30.84 16.37 -12.56
N SER B 109 31.76 15.79 -11.79
CA SER B 109 31.44 15.35 -10.43
C SER B 109 32.03 16.25 -9.33
N GLU B 110 32.55 17.44 -9.71
CA GLU B 110 33.09 18.38 -8.76
C GLU B 110 31.93 19.18 -8.15
N ARG B 111 31.99 19.43 -6.84
CA ARG B 111 30.94 20.16 -6.15
C ARG B 111 30.71 21.57 -6.72
N TRP B 112 31.78 22.20 -7.21
CA TRP B 112 31.74 23.55 -7.74
C TRP B 112 31.41 23.65 -9.23
N PHE B 113 31.31 22.52 -9.96
CA PHE B 113 31.06 22.58 -11.41
C PHE B 113 29.57 22.56 -11.77
N HIS B 114 29.15 23.52 -12.63
CA HIS B 114 27.74 23.61 -12.99
C HIS B 114 27.42 23.61 -14.49
N GLY B 115 28.29 23.07 -15.31
CA GLY B 115 28.11 22.94 -16.76
C GLY B 115 27.38 24.06 -17.48
N HIS B 116 26.22 23.74 -18.05
CA HIS B 116 25.42 24.72 -18.78
C HIS B 116 24.65 25.60 -17.81
N LEU B 117 25.32 26.62 -17.28
CA LEU B 117 24.70 27.56 -16.34
C LEU B 117 25.01 28.94 -16.87
N SER B 118 23.97 29.75 -17.17
CA SER B 118 24.19 31.09 -17.69
C SER B 118 24.73 32.02 -16.61
N GLY B 119 25.36 33.11 -17.01
CA GLY B 119 25.96 34.06 -16.08
C GLY B 119 25.00 34.82 -15.21
N LYS B 120 23.78 35.05 -15.71
CA LYS B 120 22.77 35.77 -14.93
C LYS B 120 22.24 34.86 -13.84
N GLU B 121 21.92 33.58 -14.19
CA GLU B 121 21.44 32.65 -13.17
C GLU B 121 22.56 32.21 -12.22
N ALA B 122 23.84 32.29 -12.65
CA ALA B 122 24.97 32.01 -11.77
C ALA B 122 25.10 33.11 -10.72
N GLU B 123 24.88 34.37 -11.13
CA GLU B 123 24.98 35.53 -10.24
C GLU B 123 23.83 35.56 -9.23
N LYS B 124 22.64 35.15 -9.64
CA LYS B 124 21.48 35.12 -8.74
C LYS B 124 21.73 34.12 -7.61
N LEU B 125 22.26 32.94 -7.97
CA LEU B 125 22.58 31.88 -7.04
C LEU B 125 23.60 32.33 -6.02
N LEU B 126 24.70 32.99 -6.46
CA LEU B 126 25.71 33.48 -5.53
C LEU B 126 25.19 34.56 -4.60
N THR B 127 24.27 35.37 -5.07
CA THR B 127 23.69 36.45 -4.29
C THR B 127 22.76 35.93 -3.18
N GLU B 128 21.85 35.03 -3.53
CA GLU B 128 20.88 34.49 -2.58
C GLU B 128 21.36 33.35 -1.70
N LYS B 129 22.18 32.44 -2.24
CA LYS B 129 22.67 31.28 -1.49
C LYS B 129 24.12 31.39 -1.01
N GLY B 130 24.88 32.29 -1.62
CA GLY B 130 26.30 32.41 -1.30
C GLY B 130 26.65 33.27 -0.11
N LYS B 131 27.90 33.14 0.32
CA LYS B 131 28.52 33.91 1.38
C LYS B 131 30.00 34.20 0.97
N HIS B 132 30.83 34.77 1.86
CA HIS B 132 32.22 35.05 1.53
C HIS B 132 33.00 33.76 1.22
N GLY B 133 33.62 33.73 0.05
CA GLY B 133 34.41 32.60 -0.42
C GLY B 133 33.65 31.60 -1.27
N SER B 134 32.33 31.77 -1.43
CA SER B 134 31.53 30.85 -2.24
C SER B 134 31.86 31.01 -3.70
N PHE B 135 32.08 29.90 -4.37
CA PHE B 135 32.46 29.94 -5.77
C PHE B 135 31.84 28.82 -6.59
N LEU B 136 31.90 28.99 -7.89
CA LEU B 136 31.44 27.99 -8.83
C LEU B 136 32.16 28.17 -10.18
N VAL B 137 32.15 27.13 -11.02
CA VAL B 137 32.69 27.19 -12.37
C VAL B 137 31.61 26.73 -13.35
N ARG B 138 31.36 27.54 -14.41
CA ARG B 138 30.36 27.22 -15.46
C ARG B 138 30.98 27.28 -16.86
N GLU B 139 30.32 26.68 -17.86
CA GLU B 139 30.80 26.74 -19.25
C GLU B 139 30.48 28.12 -19.84
N PRO B 144 32.38 29.48 -25.98
CA PRO B 144 32.39 28.03 -26.26
C PRO B 144 33.73 27.42 -25.90
N GLY B 145 33.71 26.27 -25.25
CA GLY B 145 34.93 25.57 -24.82
C GLY B 145 35.61 26.21 -23.62
N ASP B 146 35.33 27.51 -23.40
CA ASP B 146 35.88 28.29 -22.32
C ASP B 146 34.96 28.22 -21.07
N PHE B 147 35.47 28.68 -19.92
CA PHE B 147 34.74 28.58 -18.67
C PHE B 147 34.80 29.87 -17.87
N VAL B 148 33.94 30.02 -16.86
CA VAL B 148 33.94 31.18 -16.00
C VAL B 148 33.94 30.76 -14.54
N LEU B 149 34.87 31.30 -13.76
CA LEU B 149 34.94 31.05 -12.33
C LEU B 149 34.25 32.25 -11.70
N SER B 150 33.15 32.04 -10.96
CA SER B 150 32.44 33.15 -10.32
C SER B 150 32.55 33.00 -8.82
N VAL B 151 33.07 34.04 -8.14
CA VAL B 151 33.39 34.05 -6.71
C VAL B 151 32.74 35.22 -5.96
N ARG B 152 32.17 34.94 -4.79
CA ARG B 152 31.56 35.91 -3.92
C ARG B 152 32.57 36.26 -2.83
N THR B 153 32.79 37.57 -2.53
CA THR B 153 33.72 37.99 -1.46
C THR B 153 33.11 39.08 -0.56
N SER B 165 29.52 43.32 -0.27
CA SER B 165 29.66 42.05 -0.97
C SER B 165 29.53 42.21 -2.47
N LYS B 166 30.21 41.34 -3.22
CA LYS B 166 30.17 41.40 -4.68
C LYS B 166 30.53 40.05 -5.30
N VAL B 167 30.24 39.90 -6.61
CA VAL B 167 30.58 38.69 -7.36
C VAL B 167 31.60 39.04 -8.46
N THR B 168 32.81 38.43 -8.41
CA THR B 168 33.84 38.64 -9.42
C THR B 168 33.83 37.44 -10.37
N HIS B 169 33.93 37.70 -11.67
CA HIS B 169 33.98 36.64 -12.67
C HIS B 169 35.38 36.62 -13.26
N VAL B 170 35.98 35.44 -13.31
CA VAL B 170 37.33 35.24 -13.82
C VAL B 170 37.20 34.34 -15.03
N MET B 171 37.63 34.82 -16.19
CA MET B 171 37.53 34.07 -17.42
C MET B 171 38.62 32.97 -17.45
N ILE B 172 38.23 31.75 -17.84
CA ILE B 172 39.15 30.61 -17.94
C ILE B 172 39.15 30.19 -19.39
N ARG B 173 40.27 30.37 -20.07
CA ARG B 173 40.35 29.98 -21.48
C ARG B 173 40.85 28.58 -21.65
N CYS B 174 40.42 27.94 -22.73
CA CYS B 174 40.87 26.62 -23.08
C CYS B 174 41.70 26.75 -24.33
N GLN B 175 43.01 26.62 -24.19
CA GLN B 175 43.90 26.72 -25.33
C GLN B 175 44.64 25.42 -25.46
N GLU B 176 44.54 24.77 -26.64
CA GLU B 176 45.26 23.52 -26.90
C GLU B 176 45.18 22.48 -25.76
N LEU B 177 43.96 22.14 -25.33
CA LEU B 177 43.66 21.18 -24.26
C LEU B 177 44.07 21.63 -22.84
N LYS B 178 44.62 22.85 -22.68
CA LYS B 178 45.01 23.34 -21.35
C LYS B 178 44.19 24.55 -20.90
N TYR B 179 44.10 24.78 -19.59
CA TYR B 179 43.29 25.86 -19.03
C TYR B 179 44.09 26.93 -18.28
N ASP B 180 43.73 28.20 -18.47
CA ASP B 180 44.41 29.30 -17.79
C ASP B 180 43.50 30.51 -17.51
N VAL B 181 43.87 31.38 -16.55
CA VAL B 181 43.09 32.58 -16.24
C VAL B 181 43.69 33.85 -16.88
N GLY B 182 44.21 33.70 -18.08
CA GLY B 182 44.77 34.84 -18.80
C GLY B 182 46.27 34.98 -18.72
N GLY B 183 46.87 34.43 -17.68
CA GLY B 183 48.31 34.46 -17.48
C GLY B 183 48.82 33.40 -16.53
N GLY B 184 50.12 33.20 -16.50
CA GLY B 184 50.78 32.25 -15.60
C GLY B 184 50.76 30.79 -16.03
N GLU B 185 50.38 29.91 -15.10
CA GLU B 185 50.39 28.48 -15.37
C GLU B 185 49.25 28.01 -16.27
N ARG B 186 49.46 26.90 -16.96
CA ARG B 186 48.45 26.31 -17.82
C ARG B 186 48.17 24.92 -17.26
N PHE B 187 46.90 24.65 -16.94
CA PHE B 187 46.53 23.40 -16.29
C PHE B 187 45.95 22.31 -17.22
N ASP B 188 46.18 21.05 -16.87
CA ASP B 188 45.65 19.92 -17.65
C ASP B 188 44.14 19.76 -17.47
N SER B 189 43.57 20.30 -16.37
CA SER B 189 42.14 20.17 -16.12
C SER B 189 41.62 21.34 -15.29
N LEU B 190 40.29 21.57 -15.29
CA LEU B 190 39.70 22.61 -14.44
C LEU B 190 39.93 22.29 -12.98
N THR B 191 39.90 21.00 -12.59
CA THR B 191 40.17 20.60 -11.21
C THR B 191 41.56 21.10 -10.75
N ASP B 192 42.63 20.85 -11.55
CA ASP B 192 44.00 21.28 -11.19
C ASP B 192 44.04 22.82 -11.10
N LEU B 193 43.37 23.51 -12.02
CA LEU B 193 43.30 24.98 -11.99
C LEU B 193 42.64 25.47 -10.70
N VAL B 194 41.47 24.91 -10.35
CA VAL B 194 40.74 25.28 -9.14
C VAL B 194 41.58 24.98 -7.90
N GLU B 195 42.20 23.80 -7.83
CA GLU B 195 43.04 23.44 -6.70
C GLU B 195 44.21 24.38 -6.54
N HIS B 196 44.82 24.80 -7.65
CA HIS B 196 45.91 25.77 -7.58
C HIS B 196 45.42 27.11 -7.02
N TYR B 197 44.32 27.67 -7.55
CA TYR B 197 43.83 28.97 -7.11
C TYR B 197 43.17 28.92 -5.69
N LYS B 198 42.85 27.72 -5.20
CA LYS B 198 42.36 27.55 -3.84
C LYS B 198 43.58 27.72 -2.89
N LYS B 199 44.74 27.14 -3.24
CA LYS B 199 45.94 27.25 -2.42
C LYS B 199 46.64 28.60 -2.60
N ASN B 200 46.71 29.09 -3.84
CA ASN B 200 47.39 30.35 -4.18
C ASN B 200 46.34 31.32 -4.74
N PRO B 201 45.60 32.00 -3.85
CA PRO B 201 44.50 32.84 -4.32
C PRO B 201 44.88 34.04 -5.18
N MET B 202 44.04 34.29 -6.18
CA MET B 202 44.17 35.44 -7.07
C MET B 202 43.92 36.70 -6.27
N VAL B 203 44.65 37.77 -6.60
CA VAL B 203 44.49 39.04 -5.89
C VAL B 203 44.32 40.14 -6.89
N GLU B 204 43.24 40.93 -6.73
CA GLU B 204 42.99 42.09 -7.58
C GLU B 204 44.07 43.15 -7.26
N THR B 205 44.39 44.04 -8.21
CA THR B 205 45.44 45.06 -8.00
C THR B 205 45.14 45.96 -6.77
N LEU B 206 43.86 46.18 -6.46
CA LEU B 206 43.49 46.98 -5.31
C LEU B 206 43.39 46.20 -3.96
N GLY B 207 43.86 44.95 -3.93
CA GLY B 207 43.88 44.18 -2.70
C GLY B 207 42.92 43.01 -2.48
N THR B 208 41.74 43.00 -3.15
CA THR B 208 40.77 41.91 -2.94
C THR B 208 41.34 40.54 -3.25
N VAL B 209 41.34 39.67 -2.23
CA VAL B 209 41.80 38.30 -2.36
C VAL B 209 40.60 37.45 -2.77
N LEU B 210 40.61 36.89 -3.98
CA LEU B 210 39.49 36.07 -4.46
C LEU B 210 39.59 34.65 -3.88
N GLN B 211 39.36 34.53 -2.57
CA GLN B 211 39.44 33.25 -1.89
C GLN B 211 38.31 32.29 -2.28
N LEU B 212 38.69 31.08 -2.67
CA LEU B 212 37.75 30.03 -3.05
C LEU B 212 37.62 29.18 -1.80
N LYS B 213 36.77 29.59 -0.85
CA LYS B 213 36.59 28.93 0.42
C LYS B 213 35.73 27.67 0.36
N GLN B 214 34.56 27.73 -0.30
CA GLN B 214 33.69 26.57 -0.41
C GLN B 214 32.83 26.65 -1.66
N PRO B 215 32.48 25.50 -2.29
CA PRO B 215 31.59 25.56 -3.46
C PRO B 215 30.23 26.11 -3.06
N LEU B 216 29.55 26.81 -4.00
CA LEU B 216 28.23 27.34 -3.71
C LEU B 216 27.27 26.16 -3.47
N ASN B 217 26.53 26.19 -2.36
CA ASN B 217 25.59 25.13 -2.06
C ASN B 217 24.31 25.31 -2.87
N THR B 218 24.06 24.39 -3.78
CA THR B 218 22.84 24.39 -4.58
C THR B 218 21.92 23.19 -4.24
N THR B 219 22.34 22.29 -3.33
CA THR B 219 21.54 21.11 -2.99
C THR B 219 20.57 21.36 -1.85
N ARG B 220 20.88 22.30 -0.94
CA ARG B 220 19.98 22.63 0.16
C ARG B 220 18.73 23.29 -0.41
N ILE B 221 17.57 22.70 -0.16
CA ILE B 221 16.30 23.24 -0.64
C ILE B 221 15.32 23.40 0.53
N ASN B 222 14.28 24.22 0.33
CA ASN B 222 13.22 24.35 1.29
C ASN B 222 12.34 23.10 1.10
N ALA B 223 11.86 22.47 2.19
CA ALA B 223 11.04 21.26 2.10
C ALA B 223 9.86 21.37 1.13
N ALA B 224 9.22 22.54 1.06
CA ALA B 224 8.07 22.77 0.16
C ALA B 224 8.42 22.68 -1.31
N GLU B 225 9.70 22.88 -1.67
CA GLU B 225 10.09 22.78 -3.07
C GLU B 225 10.69 21.44 -3.43
N ILE B 226 10.46 20.37 -2.61
CA ILE B 226 10.98 19.03 -2.89
C ILE B 226 10.45 18.53 -4.24
N GLU B 227 9.14 18.65 -4.49
CA GLU B 227 8.53 18.19 -5.73
C GLU B 227 9.16 18.83 -6.96
N SER B 228 9.38 20.14 -6.90
CA SER B 228 10.01 20.86 -8.00
C SER B 228 11.48 20.41 -8.18
N ARG B 229 12.19 20.10 -7.08
CA ARG B 229 13.58 19.61 -7.19
C ARG B 229 13.62 18.19 -7.77
N VAL B 230 12.72 17.30 -7.30
CA VAL B 230 12.64 15.93 -7.81
C VAL B 230 12.38 15.94 -9.33
N ARG B 231 11.52 16.87 -9.79
CA ARG B 231 11.24 17.04 -11.22
C ARG B 231 12.49 17.47 -12.00
N GLU B 232 13.26 18.45 -11.51
CA GLU B 232 14.51 18.86 -12.17
C GLU B 232 15.52 17.69 -12.21
N LEU B 233 15.68 16.97 -11.08
CA LEU B 233 16.61 15.85 -11.00
C LEU B 233 16.16 14.66 -11.87
N SER B 234 14.86 14.55 -12.18
CA SER B 234 14.37 13.46 -13.02
C SER B 234 14.42 13.77 -14.52
N LYS B 235 14.65 15.04 -14.92
CA LYS B 235 14.66 15.39 -16.36
C LYS B 235 15.57 14.50 -17.21
N GLN B 245 20.61 11.92 -16.25
CA GLN B 245 19.71 12.50 -15.24
C GLN B 245 20.43 13.33 -14.15
N GLY B 246 19.70 14.29 -13.57
CA GLY B 246 20.20 15.13 -12.48
C GLY B 246 20.46 14.32 -11.23
N PHE B 247 19.68 13.25 -10.99
CA PHE B 247 19.87 12.39 -9.84
C PHE B 247 21.24 11.71 -9.91
N TRP B 248 21.60 11.20 -11.09
CA TRP B 248 22.87 10.51 -11.28
C TRP B 248 24.03 11.47 -11.06
N GLU B 249 23.93 12.67 -11.63
CA GLU B 249 24.98 13.66 -11.49
C GLU B 249 25.19 14.08 -10.03
N GLU B 250 24.11 14.36 -9.31
CA GLU B 250 24.19 14.78 -7.91
C GLU B 250 24.69 13.62 -7.03
N PHE B 251 24.26 12.40 -7.33
CA PHE B 251 24.74 11.20 -6.61
C PHE B 251 26.23 11.00 -6.82
N GLU B 252 26.73 11.02 -8.08
CA GLU B 252 28.17 10.87 -8.31
C GLU B 252 29.02 12.03 -7.77
N THR B 253 28.46 13.24 -7.64
CA THR B 253 29.20 14.36 -7.03
C THR B 253 29.38 14.06 -5.52
N LEU B 254 28.34 13.49 -4.88
CA LEU B 254 28.45 13.07 -3.47
C LEU B 254 29.47 11.93 -3.35
N GLN B 255 29.42 10.90 -4.25
CA GLN B 255 30.37 9.79 -4.21
C GLN B 255 31.82 10.26 -4.30
N GLN B 256 32.07 11.30 -5.09
CA GLN B 256 33.41 11.86 -5.23
C GLN B 256 33.96 12.38 -3.91
N GLN B 257 33.08 12.75 -2.96
CA GLN B 257 33.50 13.25 -1.66
C GLN B 257 33.80 12.14 -0.65
N GLU B 258 33.66 10.86 -1.02
CA GLU B 258 33.89 9.75 -0.10
C GLU B 258 35.37 9.57 0.27
N CYS B 259 36.29 10.10 -0.56
CA CYS B 259 37.72 10.02 -0.28
CA CYS B 259 37.72 10.00 -0.26
C CYS B 259 38.10 10.85 0.96
N LYS B 260 37.24 11.80 1.37
CA LYS B 260 37.48 12.57 2.59
C LYS B 260 37.11 11.77 3.85
N LEU B 261 36.49 10.57 3.72
CA LEU B 261 36.01 9.83 4.87
C LEU B 261 36.77 8.54 5.13
N LEU B 262 38.06 8.49 4.73
CA LEU B 262 38.86 7.28 4.95
C LEU B 262 39.44 7.21 6.36
N TYR B 263 38.57 7.25 7.37
CA TYR B 263 38.97 7.22 8.78
C TYR B 263 39.46 5.83 9.17
N SER B 264 40.26 5.74 10.24
CA SER B 264 40.83 4.48 10.66
C SER B 264 39.77 3.52 11.17
N ARG B 265 39.98 2.22 10.87
CA ARG B 265 39.16 1.09 11.31
CA ARG B 265 39.15 1.08 11.31
C ARG B 265 40.10 -0.01 11.84
N LYS B 266 41.12 0.40 12.59
CA LYS B 266 42.12 -0.50 13.16
C LYS B 266 41.56 -1.51 14.15
N GLU B 267 40.58 -1.13 14.99
CA GLU B 267 40.04 -2.09 15.97
C GLU B 267 39.40 -3.29 15.30
N GLY B 268 38.64 -3.05 14.21
CA GLY B 268 38.00 -4.11 13.45
C GLY B 268 38.96 -5.05 12.75
N GLN B 269 40.19 -4.59 12.49
CA GLN B 269 41.22 -5.35 11.81
C GLN B 269 42.04 -6.23 12.76
N ARG B 270 41.91 -6.07 14.08
CA ARG B 270 42.65 -6.89 15.04
C ARG B 270 42.29 -8.36 14.91
N GLN B 271 43.28 -9.24 15.09
CA GLN B 271 43.10 -10.69 14.97
C GLN B 271 41.91 -11.23 15.75
N GLU B 272 41.77 -10.81 17.00
CA GLU B 272 40.68 -11.27 17.86
C GLU B 272 39.30 -10.79 17.42
N ASN B 273 39.23 -9.80 16.54
CA ASN B 273 37.97 -9.23 16.06
C ASN B 273 37.60 -9.63 14.65
N LYS B 274 38.53 -10.24 13.89
CA LYS B 274 38.28 -10.63 12.51
C LYS B 274 37.01 -11.45 12.30
N ASN B 275 36.76 -12.47 13.12
CA ASN B 275 35.58 -13.31 12.95
C ASN B 275 34.28 -12.70 13.48
N LYS B 276 34.35 -11.51 14.09
CA LYS B 276 33.14 -10.80 14.54
C LYS B 276 32.57 -9.88 13.44
N ASN B 277 33.20 -9.86 12.24
CA ASN B 277 32.77 -9.06 11.10
C ASN B 277 32.13 -9.98 10.08
N ARG B 278 30.93 -9.61 9.59
CA ARG B 278 30.25 -10.41 8.57
C ARG B 278 31.10 -10.42 7.29
N TYR B 279 31.67 -9.28 6.94
CA TYR B 279 32.52 -9.13 5.78
C TYR B 279 33.80 -8.50 6.29
N LYS B 280 34.92 -9.21 6.09
CA LYS B 280 36.28 -8.86 6.51
C LYS B 280 36.69 -7.38 6.38
N ASN B 281 36.33 -6.72 5.28
CA ASN B 281 36.73 -5.34 5.02
C ASN B 281 35.64 -4.30 5.24
N ILE B 282 34.46 -4.71 5.74
CA ILE B 282 33.40 -3.74 6.03
C ILE B 282 33.47 -3.56 7.54
N LEU B 283 34.12 -2.46 7.96
CA LEU B 283 34.43 -2.28 9.37
C LEU B 283 33.93 -0.96 9.94
N PRO B 284 33.73 -0.92 11.28
CA PRO B 284 33.29 0.33 11.91
C PRO B 284 34.48 1.29 12.11
N PHE B 285 34.23 2.62 11.95
CA PHE B 285 35.29 3.61 12.22
C PHE B 285 35.65 3.55 13.70
N ASP B 286 36.96 3.59 14.02
CA ASP B 286 37.38 3.59 15.43
C ASP B 286 36.75 4.72 16.25
N HIS B 287 36.62 5.92 15.66
CA HIS B 287 36.16 7.10 16.43
C HIS B 287 34.66 7.12 16.75
N THR B 288 33.83 6.32 16.06
CA THR B 288 32.39 6.27 16.36
C THR B 288 31.89 4.86 16.74
N ARG B 289 32.79 3.87 16.81
CA ARG B 289 32.36 2.49 17.12
C ARG B 289 31.78 2.38 18.52
N VAL B 290 30.83 1.45 18.68
CA VAL B 290 30.25 1.18 19.98
C VAL B 290 31.32 0.33 20.71
N VAL B 291 31.84 0.85 21.83
CA VAL B 291 32.82 0.13 22.65
C VAL B 291 32.07 -0.59 23.78
N LEU B 292 32.20 -1.91 23.88
CA LEU B 292 31.53 -2.69 24.91
C LEU B 292 32.37 -2.76 26.19
N HIS B 293 31.83 -2.24 27.30
CA HIS B 293 32.53 -2.19 28.59
C HIS B 293 32.10 -3.32 29.51
N VAL B 301 40.11 -9.74 24.09
CA VAL B 301 39.41 -8.58 23.54
C VAL B 301 37.92 -8.80 23.70
N SER B 302 37.27 -8.02 24.57
CA SER B 302 35.83 -8.15 24.78
C SER B 302 35.07 -6.84 24.52
N ASP B 303 35.70 -5.82 23.92
CA ASP B 303 35.04 -4.52 23.74
C ASP B 303 34.49 -4.25 22.35
N TYR B 304 34.55 -5.22 21.44
CA TYR B 304 34.23 -4.99 20.03
C TYR B 304 32.93 -5.53 19.53
N ILE B 305 32.28 -4.72 18.69
CA ILE B 305 31.11 -5.11 17.91
C ILE B 305 31.14 -4.28 16.62
N ASN B 306 30.77 -4.89 15.49
CA ASN B 306 30.76 -4.16 14.22
C ASN B 306 29.49 -3.27 14.19
N ALA B 307 29.58 -2.11 14.83
CA ALA B 307 28.46 -1.18 15.05
C ALA B 307 29.02 0.23 15.30
N ASN B 308 28.28 1.24 14.87
CA ASN B 308 28.70 2.62 15.09
C ASN B 308 27.54 3.46 15.59
N ILE B 309 27.84 4.43 16.45
CA ILE B 309 26.84 5.39 16.88
C ILE B 309 26.69 6.39 15.72
N ILE B 310 25.46 6.67 15.33
CA ILE B 310 25.16 7.68 14.33
C ILE B 310 24.39 8.80 15.07
N MET B 311 25.02 9.96 15.24
CA MET B 311 24.45 11.14 15.89
C MET B 311 24.20 12.18 14.83
N PRO B 312 22.94 12.53 14.52
CA PRO B 312 22.71 13.58 13.51
C PRO B 312 22.99 15.01 14.00
N LYS B 325 17.39 12.38 18.75
CA LYS B 325 17.37 10.93 18.51
C LYS B 325 18.66 10.47 17.83
N SER B 326 19.34 9.46 18.40
CA SER B 326 20.52 8.90 17.75
C SER B 326 20.28 7.42 17.38
N TYR B 327 21.19 6.87 16.61
CA TYR B 327 21.04 5.50 16.11
C TYR B 327 22.31 4.72 16.36
N ILE B 328 22.21 3.40 16.25
CA ILE B 328 23.37 2.53 16.19
C ILE B 328 23.16 1.81 14.86
N ALA B 329 24.09 1.96 13.93
CA ALA B 329 24.00 1.26 12.66
C ALA B 329 24.93 0.07 12.82
N THR B 330 24.39 -1.13 12.60
CA THR B 330 25.14 -2.36 12.81
C THR B 330 24.78 -3.44 11.78
N GLN B 331 25.59 -4.48 11.72
CA GLN B 331 25.38 -5.59 10.82
C GLN B 331 24.38 -6.59 11.40
N GLY B 332 23.92 -7.54 10.60
CA GLY B 332 23.11 -8.65 11.10
C GLY B 332 24.00 -9.54 11.96
N CYS B 333 23.46 -10.12 13.05
CA CYS B 333 24.29 -10.97 13.93
C CYS B 333 24.88 -12.14 13.23
N LEU B 334 26.06 -12.54 13.70
CA LEU B 334 26.64 -13.83 13.39
C LEU B 334 26.36 -14.69 14.64
N GLN B 335 26.46 -16.02 14.54
CA GLN B 335 26.20 -16.90 15.71
C GLN B 335 27.08 -16.53 16.90
N ASN B 336 28.33 -16.16 16.62
CA ASN B 336 29.30 -15.77 17.62
C ASN B 336 29.24 -14.30 18.06
N THR B 337 28.31 -13.49 17.50
CA THR B 337 28.18 -12.09 17.94
C THR B 337 26.78 -11.78 18.59
N VAL B 338 25.90 -12.81 18.74
CA VAL B 338 24.58 -12.61 19.35
C VAL B 338 24.72 -12.06 20.76
N ASN B 339 25.56 -12.68 21.59
CA ASN B 339 25.73 -12.23 22.98
C ASN B 339 26.22 -10.77 23.06
N ASP B 340 27.17 -10.38 22.20
CA ASP B 340 27.68 -9.02 22.17
C ASP B 340 26.62 -8.04 21.67
N PHE B 341 25.77 -8.46 20.74
CA PHE B 341 24.65 -7.61 20.27
C PHE B 341 23.74 -7.26 21.47
N TRP B 342 23.40 -8.26 22.30
CA TRP B 342 22.58 -7.99 23.47
C TRP B 342 23.33 -7.16 24.55
N ARG B 343 24.67 -7.34 24.66
CA ARG B 343 25.47 -6.49 25.56
C ARG B 343 25.39 -5.04 25.09
N MET B 344 25.45 -4.82 23.75
CA MET B 344 25.36 -3.47 23.21
C MET B 344 23.95 -2.84 23.47
N VAL B 345 22.85 -3.57 23.18
CA VAL B 345 21.48 -3.08 23.42
C VAL B 345 21.31 -2.65 24.88
N PHE B 346 21.75 -3.53 25.80
CA PHE B 346 21.67 -3.28 27.23
C PHE B 346 22.50 -2.06 27.64
N GLN B 347 23.81 -2.04 27.32
CA GLN B 347 24.71 -0.95 27.70
C GLN B 347 24.24 0.38 27.16
N GLU B 348 23.84 0.43 25.90
CA GLU B 348 23.41 1.69 25.29
C GLU B 348 21.99 2.11 25.69
N ASN B 349 21.28 1.26 26.44
CA ASN B 349 19.92 1.53 26.86
C ASN B 349 18.96 1.65 25.66
N SER B 350 19.26 0.96 24.54
CA SER B 350 18.39 1.00 23.35
C SER B 350 17.07 0.29 23.66
N ARG B 351 15.96 0.94 23.34
CA ARG B 351 14.64 0.34 23.58
C ARG B 351 13.91 -0.03 22.28
N VAL B 352 14.51 0.29 21.11
CA VAL B 352 13.90 0.04 19.82
C VAL B 352 14.98 -0.51 18.88
N ILE B 353 14.67 -1.61 18.21
CA ILE B 353 15.53 -2.21 17.18
C ILE B 353 14.73 -2.24 15.90
N VAL B 354 15.39 -1.87 14.78
CA VAL B 354 14.84 -1.88 13.44
C VAL B 354 15.67 -2.86 12.63
N MET B 355 15.00 -3.94 12.21
CA MET B 355 15.59 -4.98 11.40
C MET B 355 15.09 -4.72 9.98
N THR B 356 16.00 -4.49 9.03
CA THR B 356 15.58 -4.13 7.67
C THR B 356 15.69 -5.28 6.66
N THR B 357 15.93 -6.49 7.11
CA THR B 357 16.07 -7.62 6.20
C THR B 357 15.31 -8.82 6.74
N LYS B 358 14.97 -9.77 5.85
CA LYS B 358 14.41 -11.04 6.33
C LYS B 358 15.61 -11.84 6.88
N GLU B 359 15.38 -12.90 7.68
CA GLU B 359 16.50 -13.75 8.13
C GLU B 359 17.19 -14.40 6.91
N VAL B 360 16.39 -14.76 5.89
CA VAL B 360 16.89 -15.34 4.65
C VAL B 360 16.35 -14.59 3.43
N GLU B 361 17.24 -14.21 2.52
CA GLU B 361 16.84 -13.55 1.27
C GLU B 361 17.60 -14.18 0.10
N ARG B 362 16.88 -14.64 -0.95
CA ARG B 362 17.50 -15.32 -2.11
C ARG B 362 18.32 -16.54 -1.65
N GLY B 363 17.81 -17.27 -0.67
CA GLY B 363 18.45 -18.46 -0.13
C GLY B 363 19.70 -18.20 0.71
N LYS B 364 19.99 -16.93 1.02
CA LYS B 364 21.16 -16.60 1.83
C LYS B 364 20.79 -15.98 3.17
N SER B 365 21.52 -16.36 4.23
CA SER B 365 21.29 -15.85 5.59
C SER B 365 21.81 -14.41 5.72
N LYS B 366 20.90 -13.48 6.04
CA LYS B 366 21.26 -12.07 6.20
C LYS B 366 21.46 -11.65 7.68
N CYS B 367 20.87 -12.41 8.61
CA CYS B 367 20.97 -12.19 10.06
C CYS B 367 20.59 -13.48 10.75
N VAL B 368 21.39 -13.88 11.72
CA VAL B 368 21.06 -15.04 12.55
C VAL B 368 19.87 -14.58 13.46
N LYS B 369 18.93 -15.48 13.77
CA LYS B 369 17.80 -15.16 14.65
C LYS B 369 18.38 -14.94 16.05
N TYR B 370 18.31 -13.72 16.56
CA TYR B 370 18.89 -13.41 17.87
C TYR B 370 17.86 -13.22 18.99
N TRP B 371 16.60 -13.51 18.70
CA TRP B 371 15.50 -13.37 19.62
C TRP B 371 14.84 -14.73 19.81
N PRO B 372 14.23 -14.95 20.97
CA PRO B 372 13.53 -16.23 21.18
C PRO B 372 12.21 -16.30 20.43
N ASP B 373 11.66 -17.52 20.30
CA ASP B 373 10.32 -17.69 19.72
C ASP B 373 9.30 -16.99 20.62
N GLU B 374 8.11 -16.65 20.11
CA GLU B 374 7.08 -15.99 20.91
C GLU B 374 6.75 -16.79 22.18
N TYR B 375 6.65 -16.09 23.31
CA TYR B 375 6.40 -16.64 24.65
C TYR B 375 7.62 -17.33 25.28
N ALA B 376 8.70 -17.52 24.53
CA ALA B 376 9.87 -18.22 25.04
C ALA B 376 10.88 -17.26 25.71
N LEU B 377 11.79 -17.83 26.53
CA LEU B 377 12.80 -17.06 27.23
C LEU B 377 14.15 -17.74 26.91
N LYS B 378 15.16 -16.95 26.61
CA LYS B 378 16.48 -17.49 26.31
C LYS B 378 17.55 -16.66 27.00
N GLU B 379 18.70 -17.27 27.33
CA GLU B 379 19.81 -16.53 27.89
C GLU B 379 20.89 -16.47 26.81
N TYR B 380 21.39 -15.27 26.54
CA TYR B 380 22.42 -15.02 25.56
C TYR B 380 23.56 -14.48 26.39
N GLY B 381 24.40 -15.39 26.87
CA GLY B 381 25.49 -15.01 27.77
C GLY B 381 24.89 -14.56 29.09
N VAL B 382 25.31 -13.39 29.58
CA VAL B 382 24.79 -12.82 30.80
C VAL B 382 23.46 -12.09 30.61
N MET B 383 22.93 -12.00 29.36
CA MET B 383 21.69 -11.30 29.05
C MET B 383 20.53 -12.26 28.89
N ARG B 384 19.41 -11.95 29.49
CA ARG B 384 18.21 -12.77 29.43
C ARG B 384 17.17 -12.02 28.59
N VAL B 385 16.55 -12.71 27.60
CA VAL B 385 15.56 -12.11 26.71
C VAL B 385 14.28 -12.96 26.70
N ARG B 386 13.15 -12.32 26.96
CA ARG B 386 11.84 -12.92 26.88
C ARG B 386 11.12 -12.33 25.65
N ASN B 387 10.50 -13.15 24.81
CA ASN B 387 9.67 -12.63 23.72
C ASN B 387 8.26 -12.62 24.28
N VAL B 388 7.81 -11.47 24.76
CA VAL B 388 6.49 -11.29 25.35
C VAL B 388 5.34 -11.49 24.38
N LYS B 389 5.45 -10.91 23.17
CA LYS B 389 4.35 -10.99 22.23
C LYS B 389 4.78 -10.46 20.89
N GLU B 390 4.29 -11.09 19.85
CA GLU B 390 4.53 -10.70 18.48
C GLU B 390 3.21 -10.23 17.89
N SER B 391 3.27 -9.16 17.09
CA SER B 391 2.12 -8.57 16.41
C SER B 391 2.53 -8.44 14.95
N ALA B 392 1.75 -9.01 14.04
CA ALA B 392 2.10 -9.02 12.64
C ALA B 392 1.27 -8.05 11.83
N ALA B 393 1.91 -7.35 10.93
CA ALA B 393 1.28 -6.43 9.98
C ALA B 393 1.83 -6.83 8.59
N HIS B 394 1.29 -6.27 7.49
CA HIS B 394 1.74 -6.66 6.16
C HIS B 394 3.25 -6.38 5.98
N ASP B 395 3.68 -5.15 6.30
CA ASP B 395 5.06 -4.74 6.08
C ASP B 395 6.04 -5.20 7.14
N TYR B 396 5.58 -5.43 8.37
CA TYR B 396 6.52 -5.77 9.43
C TYR B 396 5.94 -6.61 10.53
N THR B 397 6.82 -7.16 11.35
CA THR B 397 6.42 -7.84 12.56
C THR B 397 6.99 -7.05 13.71
N LEU B 398 6.19 -6.84 14.76
CA LEU B 398 6.70 -6.19 15.97
C LEU B 398 6.88 -7.30 17.01
N ARG B 399 8.03 -7.33 17.68
CA ARG B 399 8.27 -8.27 18.76
C ARG B 399 8.54 -7.50 20.02
N GLU B 400 7.69 -7.67 21.03
CA GLU B 400 7.89 -7.00 22.29
C GLU B 400 8.80 -7.92 23.08
N LEU B 401 10.01 -7.46 23.35
CA LEU B 401 11.01 -8.28 24.03
C LEU B 401 11.29 -7.69 25.41
N LYS B 402 11.61 -8.53 26.41
CA LYS B 402 12.01 -8.03 27.73
C LYS B 402 13.45 -8.46 27.90
N LEU B 403 14.34 -7.50 28.06
CA LEU B 403 15.77 -7.74 28.21
C LEU B 403 16.21 -7.39 29.64
N SER B 404 16.95 -8.31 30.27
CA SER B 404 17.51 -8.04 31.58
C SER B 404 18.87 -8.76 31.73
N LYS B 405 19.60 -8.42 32.78
CA LYS B 405 20.88 -9.04 33.07
C LYS B 405 20.58 -10.19 34.03
N VAL B 406 21.11 -11.36 33.71
CA VAL B 406 20.93 -12.56 34.53
C VAL B 406 21.40 -12.30 35.97
N GLY B 407 20.58 -12.65 36.94
CA GLY B 407 20.86 -12.43 38.35
C GLY B 407 20.40 -11.09 38.89
N GLN B 408 19.85 -10.21 38.01
CA GLN B 408 19.41 -8.86 38.38
C GLN B 408 18.06 -8.51 37.73
N GLY B 409 16.96 -8.88 38.38
CA GLY B 409 15.63 -8.59 37.87
C GLY B 409 15.35 -7.11 37.71
N ASN B 410 16.01 -6.28 38.57
CA ASN B 410 15.90 -4.81 38.58
C ASN B 410 16.43 -4.11 37.30
N THR B 411 17.11 -4.85 36.42
CA THR B 411 17.66 -4.32 35.17
C THR B 411 16.74 -4.54 33.96
N GLU B 412 15.54 -5.10 34.17
CA GLU B 412 14.64 -5.40 33.08
C GLU B 412 14.13 -4.13 32.38
N ARG B 413 14.05 -4.19 31.05
CA ARG B 413 13.48 -3.14 30.21
C ARG B 413 12.90 -3.75 28.93
N THR B 414 11.82 -3.13 28.42
CA THR B 414 11.21 -3.60 27.19
C THR B 414 11.99 -3.08 25.99
N VAL B 415 12.23 -3.96 25.01
CA VAL B 415 12.92 -3.63 23.77
C VAL B 415 11.93 -3.99 22.68
N TRP B 416 11.57 -3.01 21.86
CA TRP B 416 10.59 -3.20 20.81
C TRP B 416 11.30 -3.42 19.49
N GLN B 417 11.15 -4.61 18.93
CA GLN B 417 11.82 -4.98 17.68
C GLN B 417 10.89 -4.91 16.51
N TYR B 418 11.17 -4.03 15.58
CA TYR B 418 10.39 -3.81 14.38
C TYR B 418 11.14 -4.46 13.25
N HIS B 419 10.60 -5.55 12.75
CA HIS B 419 11.23 -6.33 11.72
C HIS B 419 10.51 -6.10 10.42
N PHE B 420 11.07 -5.21 9.56
CA PHE B 420 10.54 -4.87 8.24
C PHE B 420 10.78 -6.09 7.32
N ARG B 421 9.72 -6.55 6.64
CA ARG B 421 9.76 -7.75 5.82
C ARG B 421 9.45 -7.58 4.34
N THR B 422 9.06 -6.40 3.87
CA THR B 422 8.69 -6.24 2.46
C THR B 422 9.69 -5.49 1.60
N TRP B 423 10.95 -5.32 2.06
CA TRP B 423 11.97 -4.66 1.22
C TRP B 423 12.28 -5.66 0.12
N PRO B 424 12.27 -5.23 -1.15
CA PRO B 424 12.47 -6.19 -2.23
C PRO B 424 13.85 -6.80 -2.28
N ASP B 425 13.94 -8.02 -2.82
CA ASP B 425 15.21 -8.74 -3.02
C ASP B 425 16.08 -7.90 -3.99
N HIS B 426 15.46 -7.32 -5.05
CA HIS B 426 16.16 -6.45 -5.99
C HIS B 426 15.77 -4.98 -5.82
N GLY B 427 16.77 -4.10 -5.80
CA GLY B 427 16.60 -2.66 -5.75
C GLY B 427 15.92 -2.09 -4.52
N VAL B 428 14.99 -1.15 -4.73
CA VAL B 428 14.31 -0.48 -3.63
C VAL B 428 12.78 -0.60 -3.77
N PRO B 429 11.98 -0.32 -2.72
CA PRO B 429 10.53 -0.41 -2.87
C PRO B 429 10.03 0.56 -3.93
N SER B 430 9.06 0.12 -4.76
CA SER B 430 8.49 1.00 -5.77
C SER B 430 7.67 2.14 -5.15
N ASP B 431 7.13 1.93 -3.94
CA ASP B 431 6.36 2.97 -3.26
C ASP B 431 6.96 3.17 -1.85
N PRO B 432 7.27 4.43 -1.44
CA PRO B 432 7.86 4.64 -0.11
C PRO B 432 6.89 4.60 1.08
N GLY B 433 5.60 4.47 0.80
CA GLY B 433 4.52 4.45 1.79
C GLY B 433 4.73 3.49 2.94
N GLY B 434 5.09 2.25 2.63
CA GLY B 434 5.34 1.24 3.66
C GLY B 434 6.48 1.62 4.59
N VAL B 435 7.61 2.07 4.00
CA VAL B 435 8.78 2.48 4.81
C VAL B 435 8.40 3.67 5.68
N LEU B 436 7.65 4.64 5.10
CA LEU B 436 7.26 5.84 5.80
C LEU B 436 6.33 5.57 6.97
N ASP B 437 5.31 4.72 6.77
CA ASP B 437 4.37 4.41 7.85
C ASP B 437 5.10 3.58 8.96
N PHE B 438 6.04 2.71 8.56
CA PHE B 438 6.87 1.92 9.49
C PHE B 438 7.70 2.87 10.35
N LEU B 439 8.42 3.81 9.71
CA LEU B 439 9.26 4.76 10.44
C LEU B 439 8.45 5.67 11.35
N GLU B 440 7.24 6.08 10.91
CA GLU B 440 6.38 6.92 11.74
C GLU B 440 6.00 6.16 13.02
N GLU B 441 5.67 4.88 12.91
CA GLU B 441 5.32 4.07 14.09
C GLU B 441 6.55 3.88 15.03
N VAL B 442 7.72 3.57 14.42
CA VAL B 442 8.99 3.46 15.17
C VAL B 442 9.30 4.77 15.92
N HIS B 443 9.07 5.92 15.26
CA HIS B 443 9.32 7.21 15.87
C HIS B 443 8.43 7.44 17.11
N HIS B 444 7.14 7.12 17.00
CA HIS B 444 6.23 7.35 18.13
C HIS B 444 6.52 6.40 19.28
N LYS B 445 6.89 5.15 18.99
CA LYS B 445 7.33 4.22 20.04
C LYS B 445 8.52 4.78 20.81
N GLN B 446 9.59 5.19 20.11
CA GLN B 446 10.80 5.79 20.68
C GLN B 446 10.48 7.05 21.48
N GLU B 447 9.65 7.93 20.91
CA GLU B 447 9.30 9.18 21.59
C GLU B 447 8.48 8.98 22.88
N SER B 448 7.76 7.89 22.98
CA SER B 448 6.97 7.58 24.18
C SER B 448 7.80 6.98 25.33
N ILE B 449 9.09 6.64 25.08
CA ILE B 449 9.91 6.00 26.09
C ILE B 449 10.90 6.97 26.63
N MET B 450 10.68 7.38 27.87
CA MET B 450 11.53 8.35 28.53
C MET B 450 12.96 7.81 28.67
N ASP B 451 13.94 8.62 28.29
CA ASP B 451 15.36 8.29 28.36
C ASP B 451 15.79 7.08 27.52
N ALA B 452 15.04 6.70 26.46
CA ALA B 452 15.45 5.60 25.58
C ALA B 452 16.80 5.95 24.91
N GLY B 453 17.67 4.96 24.77
CA GLY B 453 18.97 5.17 24.13
C GLY B 453 18.81 5.20 22.61
N PRO B 454 19.92 5.06 21.88
CA PRO B 454 19.84 5.06 20.41
C PRO B 454 19.00 3.94 19.82
N VAL B 455 18.36 4.20 18.69
CA VAL B 455 17.57 3.21 17.98
C VAL B 455 18.54 2.33 17.20
N VAL B 456 18.51 0.99 17.44
CA VAL B 456 19.41 0.11 16.73
C VAL B 456 18.82 -0.16 15.34
N VAL B 457 19.60 -0.02 14.28
CA VAL B 457 19.17 -0.29 12.93
C VAL B 457 20.17 -1.25 12.29
N HIS B 458 19.69 -2.38 11.75
CA HIS B 458 20.59 -3.34 11.15
C HIS B 458 19.97 -4.02 9.95
N CYS B 459 20.82 -4.43 9.03
CA CYS B 459 20.46 -5.19 7.83
C CYS B 459 21.48 -6.32 7.73
N SER B 460 22.22 -6.49 6.64
CA SER B 460 23.19 -7.56 6.45
C SER B 460 24.56 -6.96 6.81
N ALA B 461 25.13 -6.09 5.96
CA ALA B 461 26.39 -5.42 6.28
C ALA B 461 26.19 -4.17 7.16
N GLY B 462 24.94 -3.69 7.28
CA GLY B 462 24.65 -2.53 8.11
C GLY B 462 25.03 -1.20 7.51
N ILE B 463 25.03 -1.09 6.17
CA ILE B 463 25.40 0.19 5.56
C ILE B 463 24.43 0.68 4.48
N GLY B 464 23.88 -0.24 3.67
CA GLY B 464 23.01 0.17 2.56
C GLY B 464 21.57 0.44 2.95
N ARG B 465 20.80 -0.63 3.22
CA ARG B 465 19.40 -0.43 3.68
C ARG B 465 19.42 0.29 5.03
N THR B 466 20.38 -0.07 5.93
CA THR B 466 20.50 0.59 7.23
C THR B 466 20.70 2.09 7.07
N GLY B 467 21.63 2.47 6.18
CA GLY B 467 21.93 3.86 5.90
C GLY B 467 20.73 4.57 5.29
N THR B 468 20.00 3.88 4.40
CA THR B 468 18.83 4.44 3.74
C THR B 468 17.70 4.72 4.75
N PHE B 469 17.37 3.73 5.61
CA PHE B 469 16.34 3.90 6.64
C PHE B 469 16.74 5.04 7.60
N ILE B 470 18.03 5.09 8.05
CA ILE B 470 18.45 6.15 8.97
C ILE B 470 18.36 7.55 8.33
N VAL B 471 18.83 7.74 7.10
CA VAL B 471 18.80 9.06 6.45
C VAL B 471 17.34 9.53 6.23
N ILE B 472 16.45 8.62 5.86
CA ILE B 472 15.02 8.98 5.69
C ILE B 472 14.47 9.42 7.04
N ASP B 473 14.81 8.65 8.10
CA ASP B 473 14.33 8.96 9.43
C ASP B 473 14.80 10.33 9.90
N ILE B 474 16.10 10.66 9.69
CA ILE B 474 16.64 11.97 10.04
C ILE B 474 15.91 13.11 9.30
N LEU B 475 15.74 12.95 7.99
CA LEU B 475 15.12 13.98 7.15
C LEU B 475 13.67 14.20 7.49
N ILE B 476 12.89 13.13 7.65
CA ILE B 476 11.48 13.28 7.99
C ILE B 476 11.30 13.79 9.43
N ASP B 477 12.29 13.58 10.34
CA ASP B 477 12.25 14.09 11.71
C ASP B 477 12.30 15.64 11.71
N ILE B 478 13.05 16.22 10.76
CA ILE B 478 13.15 17.67 10.59
C ILE B 478 11.79 18.23 10.14
N ILE B 479 11.19 17.62 9.09
CA ILE B 479 9.90 18.01 8.57
C ILE B 479 8.74 17.82 9.58
N ARG B 480 8.72 16.71 10.33
CA ARG B 480 7.64 16.43 11.29
C ARG B 480 7.56 17.47 12.39
N GLU B 481 8.73 17.89 12.88
CA GLU B 481 8.91 18.85 13.96
C GLU B 481 8.79 20.31 13.52
N LYS B 482 9.34 20.67 12.35
CA LYS B 482 9.34 22.08 11.92
C LYS B 482 8.45 22.44 10.73
N GLY B 483 7.76 21.46 10.16
CA GLY B 483 6.90 21.70 9.01
C GLY B 483 7.67 21.85 7.71
N VAL B 484 6.96 22.23 6.64
CA VAL B 484 7.58 22.42 5.34
C VAL B 484 8.41 23.69 5.22
N ASP B 485 8.40 24.58 6.24
CA ASP B 485 9.23 25.78 6.22
C ASP B 485 10.56 25.50 6.91
N CYS B 486 11.27 24.49 6.40
CA CYS B 486 12.57 24.07 6.91
C CYS B 486 13.47 23.75 5.71
N ASP B 487 14.78 23.90 5.87
CA ASP B 487 15.73 23.57 4.81
C ASP B 487 16.20 22.14 4.99
N ILE B 488 16.22 21.37 3.90
CA ILE B 488 16.76 20.02 3.90
C ILE B 488 17.82 19.92 2.79
N ASP B 489 18.84 19.13 3.02
CA ASP B 489 19.94 18.97 2.07
C ASP B 489 20.33 17.50 2.14
N VAL B 490 19.80 16.70 1.21
CA VAL B 490 20.00 15.26 1.14
C VAL B 490 21.51 14.86 1.09
N PRO B 491 22.33 15.36 0.13
CA PRO B 491 23.76 14.93 0.13
C PRO B 491 24.51 15.39 1.38
N LYS B 492 24.16 16.57 1.92
CA LYS B 492 24.78 16.99 3.19
C LYS B 492 24.46 16.01 4.33
N THR B 493 23.19 15.61 4.46
CA THR B 493 22.80 14.66 5.50
C THR B 493 23.54 13.31 5.31
N ILE B 494 23.62 12.82 4.08
CA ILE B 494 24.29 11.55 3.82
C ILE B 494 25.77 11.61 4.13
N GLN B 495 26.47 12.68 3.67
CA GLN B 495 27.91 12.86 3.97
C GLN B 495 28.18 12.86 5.48
N MET B 496 27.33 13.52 6.27
CA MET B 496 27.43 13.59 7.73
C MET B 496 27.29 12.16 8.34
N VAL B 497 26.35 11.38 7.83
CA VAL B 497 26.12 10.01 8.33
C VAL B 497 27.26 9.06 7.90
N ARG B 498 27.75 9.24 6.67
CA ARG B 498 28.88 8.53 6.09
C ARG B 498 30.18 8.83 6.82
N SER B 499 30.29 10.00 7.49
CA SER B 499 31.49 10.28 8.30
C SER B 499 31.46 9.48 9.64
N GLN B 500 30.36 8.78 9.95
CA GLN B 500 30.19 8.04 11.20
C GLN B 500 30.15 6.51 11.01
N ARG B 501 29.81 6.04 9.80
CA ARG B 501 29.93 4.63 9.46
C ARG B 501 30.18 4.60 7.98
N SER B 502 31.11 3.76 7.54
CA SER B 502 31.47 3.65 6.11
C SER B 502 30.32 3.33 5.18
N GLY B 503 30.25 4.08 4.08
CA GLY B 503 29.31 3.81 3.00
C GLY B 503 27.84 3.78 3.32
N MET B 504 27.37 4.56 4.31
CA MET B 504 25.95 4.63 4.65
C MET B 504 25.23 5.18 3.42
N VAL B 505 24.29 4.41 2.85
CA VAL B 505 23.61 4.69 1.58
C VAL B 505 24.56 4.21 0.46
N GLN B 506 24.25 3.05 -0.08
CA GLN B 506 25.11 2.38 -1.06
C GLN B 506 24.91 2.72 -2.53
N THR B 507 23.65 2.85 -2.97
CA THR B 507 23.39 2.97 -4.40
C THR B 507 22.63 4.21 -4.84
N GLU B 508 22.68 4.48 -6.17
CA GLU B 508 21.91 5.57 -6.75
C GLU B 508 20.42 5.27 -6.59
N ALA B 509 19.99 3.98 -6.64
CA ALA B 509 18.56 3.67 -6.46
C ALA B 509 18.10 4.08 -5.05
N GLN B 510 18.92 3.80 -4.03
CA GLN B 510 18.62 4.21 -2.67
C GLN B 510 18.59 5.74 -2.54
N TYR B 511 19.50 6.43 -3.22
CA TYR B 511 19.59 7.89 -3.18
C TYR B 511 18.29 8.52 -3.73
N ARG B 512 17.82 8.03 -4.88
CA ARG B 512 16.55 8.48 -5.48
C ARG B 512 15.41 8.13 -4.53
N PHE B 513 15.46 6.93 -3.91
CA PHE B 513 14.43 6.46 -2.99
C PHE B 513 14.30 7.38 -1.78
N ILE B 514 15.42 7.96 -1.29
CA ILE B 514 15.41 8.90 -0.15
C ILE B 514 14.62 10.16 -0.53
N TYR B 515 14.91 10.70 -1.71
CA TYR B 515 14.18 11.87 -2.24
C TYR B 515 12.70 11.56 -2.42
N MET B 516 12.36 10.37 -2.97
CA MET B 516 10.98 9.91 -3.19
CA MET B 516 10.97 9.98 -3.18
C MET B 516 10.22 9.81 -1.86
N ALA B 517 10.91 9.30 -0.82
CA ALA B 517 10.30 9.12 0.49
C ALA B 517 10.03 10.49 1.15
N VAL B 518 10.99 11.42 1.09
CA VAL B 518 10.83 12.75 1.65
C VAL B 518 9.69 13.52 0.92
N GLN B 519 9.64 13.39 -0.40
CA GLN B 519 8.60 14.02 -1.22
C GLN B 519 7.22 13.48 -0.82
N HIS B 520 7.07 12.16 -0.69
CA HIS B 520 5.84 11.49 -0.31
C HIS B 520 5.43 11.89 1.12
N TYR B 521 6.39 11.97 2.04
CA TYR B 521 6.09 12.39 3.41
C TYR B 521 5.52 13.84 3.41
N ILE B 522 6.18 14.76 2.70
CA ILE B 522 5.75 16.15 2.57
C ILE B 522 4.36 16.24 1.93
N GLU B 523 4.10 15.43 0.87
CA GLU B 523 2.83 15.35 0.15
C GLU B 523 1.64 14.94 1.05
N THR B 524 1.89 14.04 2.01
CA THR B 524 0.82 13.57 2.90
C THR B 524 0.63 14.44 4.15
N LEU B 525 1.30 15.60 4.22
CA LEU B 525 1.11 16.53 5.31
C LEU B 525 -0.23 17.25 5.00
#